data_6BAB
#
_entry.id   6BAB
#
_cell.length_a   54.250
_cell.length_b   67.570
_cell.length_c   82.840
_cell.angle_alpha   93.34
_cell.angle_beta   92.93
_cell.angle_gamma   90.11
#
_symmetry.space_group_name_H-M   'P 1'
#
loop_
_entity.id
_entity.type
_entity.pdbx_description
1 polymer 'Calcium/calmodulin-dependent protein kinase type II subunit delta'
2 non-polymer N-[(2S)-2-(diethylamino)propyl]-2-(3-hydroxyazetidin-1-yl)-6-[5-(thiophen-2-yl)pyrazolo[1,5-a]pyrimidin-3-yl]pyridine-4-carboxamide
3 non-polymer 'L(+)-TARTARIC ACID'
4 water water
#
_entity_poly.entity_id   1
_entity_poly.type   'polypeptide(L)'
_entity_poly.pdbx_seq_one_letter_code
;GHMSTTTCTRFTDEYQLFEELGKGAFSVVRRCMKIPTGQEYAAKIINTKKLSARDHQKLEREARICRLLKHPNIVRLHDS
ISEEGFHYLVFDLVTGGELFEDIVAREYYSEADASHCIQQILESVNHCHLNGIVHRDLKPENLLLASKSKGAAVKLADFG
LAIEVQGDQQAWFGFAGTPGYLSPEVLRKDPYGKPVDMWACGVILYILLVGYPPFWDEDQHRLYQQIKAGAYDFPSPEWD
TVTPEAKDLINKMLTINPAKRITASEALKHPWICQRSTVASMMHRQETVDCLKKFNARRKLK
;
_entity_poly.pdbx_strand_id   A,B,C,D
#
loop_
_chem_comp.id
_chem_comp.type
_chem_comp.name
_chem_comp.formula
D0S non-polymer N-[(2S)-2-(diethylamino)propyl]-2-(3-hydroxyazetidin-1-yl)-6-[5-(thiophen-2-yl)pyrazolo[1,5-a]pyrimidin-3-yl]pyridine-4-carboxamide 'C26 H31 N7 O2 S'
TLA non-polymer 'L(+)-TARTARIC ACID' 'C4 H6 O6'
#
# COMPACT_ATOMS: atom_id res chain seq x y z
N THR A 12 -6.87 26.29 -27.41
CA THR A 12 -5.46 26.21 -27.76
C THR A 12 -4.69 27.41 -27.20
N ASP A 13 -5.42 28.36 -26.61
CA ASP A 13 -4.78 29.51 -26.00
C ASP A 13 -4.18 29.22 -24.63
N GLU A 14 -4.52 28.06 -24.02
CA GLU A 14 -4.18 27.79 -22.63
C GLU A 14 -3.40 26.50 -22.42
N TYR A 15 -3.31 25.63 -23.42
CA TYR A 15 -2.63 24.36 -23.25
C TYR A 15 -1.62 24.15 -24.37
N GLN A 16 -0.49 23.56 -24.00
CA GLN A 16 0.51 23.11 -24.95
C GLN A 16 0.38 21.60 -25.08
N LEU A 17 0.33 21.11 -26.32
CA LEU A 17 0.14 19.68 -26.57
C LEU A 17 1.48 19.00 -26.79
N PHE A 18 1.60 17.80 -26.25
CA PHE A 18 2.79 16.99 -26.46
C PHE A 18 2.43 15.67 -27.13
N GLU A 19 3.06 14.58 -26.70
CA GLU A 19 3.00 13.34 -27.44
C GLU A 19 1.67 12.62 -27.25
N GLU A 20 1.34 11.78 -28.23
CA GLU A 20 0.14 10.95 -28.18
C GLU A 20 0.30 9.82 -27.17
N LEU A 21 -0.72 9.63 -26.33
CA LEU A 21 -0.74 8.51 -25.39
C LEU A 21 -1.54 7.32 -25.91
N GLY A 22 -2.65 7.57 -26.61
CA GLY A 22 -3.43 6.48 -27.16
C GLY A 22 -4.49 6.98 -28.11
N LYS A 23 -5.28 6.04 -28.63
CA LYS A 23 -6.23 6.29 -29.71
C LYS A 23 -7.62 5.78 -29.35
N GLY A 24 -8.64 6.58 -29.67
CA GLY A 24 -10.02 6.14 -29.62
C GLY A 24 -10.64 6.16 -31.01
N ALA A 25 -11.90 5.70 -31.07
CA ALA A 25 -12.61 5.62 -32.35
C ALA A 25 -12.53 6.94 -33.13
N PHE A 26 -12.90 8.05 -32.50
CA PHE A 26 -12.79 9.36 -33.10
C PHE A 26 -12.05 10.29 -32.17
N SER A 27 -10.97 9.80 -31.56
CA SER A 27 -10.29 10.61 -30.59
C SER A 27 -8.83 10.21 -30.49
N VAL A 28 -8.03 11.15 -29.99
CA VAL A 28 -6.69 10.89 -29.52
C VAL A 28 -6.61 11.43 -28.10
N VAL A 29 -5.67 10.87 -27.33
CA VAL A 29 -5.34 11.40 -26.02
C VAL A 29 -3.88 11.78 -26.09
N ARG A 30 -3.59 13.05 -25.82
CA ARG A 30 -2.22 13.52 -25.79
C ARG A 30 -1.93 14.11 -24.42
N ARG A 31 -0.71 13.92 -23.95
CA ARG A 31 -0.27 14.67 -22.78
C ARG A 31 -0.22 16.14 -23.14
N CYS A 32 -0.62 17.00 -22.20
CA CYS A 32 -0.61 18.44 -22.40
C CYS A 32 -0.20 19.13 -21.12
N MET A 33 0.08 20.42 -21.24
CA MET A 33 0.44 21.25 -20.10
C MET A 33 -0.35 22.54 -20.18
N LYS A 34 -0.89 22.96 -19.03
CA LYS A 34 -1.55 24.26 -18.96
C LYS A 34 -0.46 25.32 -18.90
N ILE A 35 -0.38 26.18 -19.92
CA ILE A 35 0.81 27.03 -20.10
C ILE A 35 1.05 27.97 -18.91
N PRO A 36 0.05 28.58 -18.27
CA PRO A 36 0.39 29.49 -17.16
C PRO A 36 0.98 28.76 -15.97
N THR A 37 0.39 27.64 -15.58
CA THR A 37 0.76 26.97 -14.34
C THR A 37 1.90 25.98 -14.50
N GLY A 38 2.15 25.50 -15.72
CA GLY A 38 3.12 24.46 -15.94
C GLY A 38 2.65 23.06 -15.56
N GLN A 39 1.37 22.90 -15.21
CA GLN A 39 0.83 21.62 -14.77
C GLN A 39 0.56 20.72 -15.97
N GLU A 40 0.99 19.46 -15.88
CA GLU A 40 0.71 18.50 -16.93
C GLU A 40 -0.69 17.89 -16.74
N TYR A 41 -1.31 17.54 -17.87
CA TYR A 41 -2.62 16.89 -17.88
C TYR A 41 -2.66 15.94 -19.07
N ALA A 42 -3.81 15.31 -19.25
CA ALA A 42 -4.09 14.51 -20.42
C ALA A 42 -5.34 15.07 -21.06
N ALA A 43 -5.30 15.25 -22.38
CA ALA A 43 -6.43 15.79 -23.12
C ALA A 43 -6.93 14.71 -24.06
N LYS A 44 -8.20 14.34 -23.89
CA LYS A 44 -8.89 13.52 -24.88
C LYS A 44 -9.48 14.49 -25.91
N ILE A 45 -9.05 14.36 -27.15
CA ILE A 45 -9.38 15.28 -28.22
C ILE A 45 -10.29 14.54 -29.19
N ILE A 46 -11.56 14.91 -29.20
CA ILE A 46 -12.58 14.22 -29.98
C ILE A 46 -12.73 14.98 -31.29
N ASN A 47 -12.55 14.28 -32.42
CA ASN A 47 -12.59 14.95 -33.71
C ASN A 47 -14.02 15.04 -34.22
N THR A 48 -14.20 15.69 -35.38
CA THR A 48 -15.52 15.82 -35.99
C THR A 48 -15.58 15.17 -37.36
N LYS A 49 -14.85 14.06 -37.55
CA LYS A 49 -14.97 13.33 -38.80
C LYS A 49 -16.40 12.87 -39.03
N LYS A 50 -17.04 12.35 -37.98
CA LYS A 50 -18.39 11.82 -38.03
C LYS A 50 -19.34 12.83 -37.38
N LEU A 51 -20.36 13.24 -38.13
CA LEU A 51 -21.38 14.15 -37.63
C LEU A 51 -22.72 13.43 -37.62
N SER A 52 -23.43 13.52 -36.51
CA SER A 52 -24.72 12.85 -36.38
C SER A 52 -25.69 13.78 -35.66
N ALA A 53 -26.94 13.31 -35.55
CA ALA A 53 -28.03 14.16 -35.08
C ALA A 53 -27.71 14.82 -33.74
N ARG A 54 -27.45 14.01 -32.72
CA ARG A 54 -27.38 14.51 -31.34
C ARG A 54 -25.93 14.70 -30.89
N ASP A 55 -25.11 15.35 -31.71
CA ASP A 55 -23.70 15.50 -31.39
C ASP A 55 -23.48 16.27 -30.09
N HIS A 56 -24.03 17.48 -29.99
CA HIS A 56 -23.78 18.27 -28.79
C HIS A 56 -24.39 17.62 -27.54
N GLN A 57 -25.44 16.82 -27.70
CA GLN A 57 -25.99 16.09 -26.55
C GLN A 57 -25.03 14.99 -26.09
N LYS A 58 -24.38 14.32 -27.04
CA LYS A 58 -23.44 13.27 -26.67
C LYS A 58 -22.21 13.85 -25.98
N LEU A 59 -21.66 14.95 -26.51
CA LEU A 59 -20.46 15.52 -25.92
C LEU A 59 -20.74 16.09 -24.55
N GLU A 60 -21.84 16.83 -24.42
CA GLU A 60 -22.19 17.37 -23.11
C GLU A 60 -22.45 16.26 -22.09
N ARG A 61 -23.06 15.16 -22.52
CA ARG A 61 -23.30 14.06 -21.61
C ARG A 61 -21.99 13.47 -21.10
N GLU A 62 -21.04 13.20 -22.00
CA GLU A 62 -19.74 12.66 -21.60
C GLU A 62 -19.06 13.58 -20.59
N ALA A 63 -19.04 14.88 -20.88
CA ALA A 63 -18.44 15.85 -19.95
C ALA A 63 -19.18 15.87 -18.62
N ARG A 64 -20.52 15.86 -18.66
CA ARG A 64 -21.32 15.91 -17.43
C ARG A 64 -21.06 14.68 -16.57
N ILE A 65 -21.00 13.50 -17.19
CA ILE A 65 -20.73 12.29 -16.44
C ILE A 65 -19.33 12.32 -15.85
N CYS A 66 -18.34 12.81 -16.62
CA CYS A 66 -16.98 12.89 -16.13
C CYS A 66 -16.83 13.90 -15.00
N ARG A 67 -17.52 15.05 -15.08
CA ARG A 67 -17.53 16.01 -13.98
C ARG A 67 -18.06 15.40 -12.69
N LEU A 68 -19.06 14.50 -12.80
CA LEU A 68 -19.71 13.94 -11.62
C LEU A 68 -18.79 13.00 -10.86
N LEU A 69 -17.99 12.21 -11.56
CA LEU A 69 -17.33 11.05 -10.97
C LEU A 69 -15.99 11.45 -10.37
N LYS A 70 -15.92 11.52 -9.04
CA LYS A 70 -14.69 11.77 -8.30
C LYS A 70 -14.44 10.56 -7.41
N HIS A 71 -13.48 9.73 -7.79
CA HIS A 71 -13.20 8.48 -7.09
C HIS A 71 -11.74 8.14 -7.33
N PRO A 72 -11.05 7.57 -6.34
CA PRO A 72 -9.62 7.22 -6.55
C PRO A 72 -9.38 6.22 -7.67
N ASN A 73 -10.40 5.50 -8.13
CA ASN A 73 -10.20 4.55 -9.22
C ASN A 73 -10.90 4.98 -10.51
N ILE A 74 -11.21 6.26 -10.65
CA ILE A 74 -11.78 6.80 -11.88
C ILE A 74 -10.97 8.02 -12.29
N VAL A 75 -10.74 8.18 -13.61
CA VAL A 75 -10.05 9.36 -14.13
C VAL A 75 -10.78 10.60 -13.65
N ARG A 76 -10.07 11.72 -13.54
CA ARG A 76 -10.59 12.91 -12.89
C ARG A 76 -10.60 14.07 -13.89
N LEU A 77 -11.79 14.58 -14.18
CA LEU A 77 -11.93 15.62 -15.18
C LEU A 77 -11.45 16.95 -14.62
N HIS A 78 -10.72 17.71 -15.45
CA HIS A 78 -10.28 19.05 -15.06
C HIS A 78 -11.03 20.14 -15.82
N ASP A 79 -11.15 20.02 -17.13
CA ASP A 79 -11.81 21.04 -17.91
C ASP A 79 -12.42 20.41 -19.15
N SER A 80 -13.39 21.12 -19.72
CA SER A 80 -14.07 20.71 -20.94
C SER A 80 -14.11 21.94 -21.85
N ILE A 81 -13.61 21.80 -23.07
CA ILE A 81 -13.42 22.93 -23.98
C ILE A 81 -13.97 22.56 -25.36
N SER A 82 -14.90 23.37 -25.86
CA SER A 82 -15.56 23.12 -27.13
C SER A 82 -14.95 24.03 -28.21
N GLU A 83 -14.42 23.42 -29.26
CA GLU A 83 -13.99 24.17 -30.42
C GLU A 83 -14.72 23.66 -31.65
N GLU A 84 -14.62 24.43 -32.74
CA GLU A 84 -15.39 24.14 -33.95
C GLU A 84 -15.10 22.73 -34.46
N GLY A 85 -13.83 22.38 -34.60
CA GLY A 85 -13.47 21.12 -35.21
C GLY A 85 -13.15 19.99 -34.25
N PHE A 86 -13.01 20.32 -32.96
CA PHE A 86 -12.56 19.37 -31.95
C PHE A 86 -13.18 19.72 -30.61
N HIS A 87 -13.32 18.71 -29.74
CA HIS A 87 -13.72 18.94 -28.36
C HIS A 87 -12.65 18.39 -27.43
N TYR A 88 -12.40 19.09 -26.33
CA TYR A 88 -11.26 18.81 -25.46
C TYR A 88 -11.76 18.48 -24.07
N LEU A 89 -11.50 17.27 -23.62
CA LEU A 89 -11.77 16.84 -22.24
C LEU A 89 -10.43 16.66 -21.55
N VAL A 90 -10.13 17.54 -20.60
CA VAL A 90 -8.84 17.59 -19.94
C VAL A 90 -8.95 16.89 -18.58
N PHE A 91 -8.06 15.92 -18.34
CA PHE A 91 -8.09 15.11 -17.14
C PHE A 91 -6.76 15.20 -16.41
N ASP A 92 -6.77 14.97 -15.10
CA ASP A 92 -5.53 14.68 -14.40
C ASP A 92 -4.76 13.59 -15.14
N LEU A 93 -3.45 13.79 -15.25
CA LEU A 93 -2.60 12.85 -15.99
C LEU A 93 -2.21 11.69 -15.10
N VAL A 94 -2.38 10.47 -15.60
CA VAL A 94 -1.77 9.29 -14.99
C VAL A 94 -0.74 8.73 -15.95
N THR A 95 0.39 8.26 -15.42
CA THR A 95 1.53 7.90 -16.24
C THR A 95 1.86 6.41 -16.22
N GLY A 96 1.06 5.59 -15.55
CA GLY A 96 1.37 4.16 -15.49
C GLY A 96 0.97 3.35 -16.71
N GLY A 97 0.19 3.90 -17.64
CA GLY A 97 -0.15 3.20 -18.86
C GLY A 97 -1.35 2.27 -18.69
N GLU A 98 -1.53 1.39 -19.68
CA GLU A 98 -2.64 0.47 -19.62
C GLU A 98 -2.33 -0.70 -18.69
N LEU A 99 -3.34 -1.07 -17.87
CA LEU A 99 -3.21 -2.17 -16.92
C LEU A 99 -2.67 -3.44 -17.57
N PHE A 100 -3.29 -3.88 -18.68
CA PHE A 100 -2.87 -5.14 -19.30
C PHE A 100 -1.42 -5.09 -19.79
N GLU A 101 -0.94 -3.91 -20.22
CA GLU A 101 0.44 -3.80 -20.62
C GLU A 101 1.37 -3.86 -19.42
N ASP A 102 0.88 -3.45 -18.25
CA ASP A 102 1.66 -3.59 -17.04
C ASP A 102 1.76 -5.06 -16.62
N ILE A 103 0.64 -5.78 -16.63
CA ILE A 103 0.64 -7.17 -16.20
C ILE A 103 1.63 -7.99 -17.03
N VAL A 104 1.60 -7.86 -18.36
CA VAL A 104 2.46 -8.69 -19.20
C VAL A 104 3.94 -8.35 -19.03
N ALA A 105 4.26 -7.25 -18.36
CA ALA A 105 5.63 -6.90 -18.06
C ALA A 105 6.08 -7.40 -16.69
N ARG A 106 5.18 -8.00 -15.91
CA ARG A 106 5.54 -8.52 -14.60
C ARG A 106 6.26 -9.86 -14.73
N GLU A 107 7.15 -10.11 -13.79
CA GLU A 107 7.83 -11.40 -13.67
C GLU A 107 7.17 -12.31 -12.65
N TYR A 108 6.35 -11.75 -11.76
CA TYR A 108 5.54 -12.50 -10.81
C TYR A 108 4.12 -11.98 -10.90
N TYR A 109 3.19 -12.87 -11.27
CA TYR A 109 1.80 -12.47 -11.41
C TYR A 109 0.91 -13.62 -10.99
N SER A 110 0.11 -13.43 -9.94
CA SER A 110 -0.68 -14.52 -9.34
C SER A 110 -2.16 -14.12 -9.22
N GLU A 111 -2.95 -15.08 -8.73
CA GLU A 111 -4.36 -14.81 -8.47
C GLU A 111 -4.54 -13.66 -7.50
N ALA A 112 -3.66 -13.56 -6.49
CA ALA A 112 -3.80 -12.44 -5.57
C ALA A 112 -3.63 -11.13 -6.30
N ASP A 113 -2.76 -11.11 -7.32
CA ASP A 113 -2.59 -9.90 -8.12
C ASP A 113 -3.81 -9.64 -9.02
N ALA A 114 -4.40 -10.70 -9.57
CA ALA A 114 -5.64 -10.50 -10.33
C ALA A 114 -6.76 -10.02 -9.43
N SER A 115 -6.80 -10.54 -8.21
CA SER A 115 -7.88 -10.18 -7.29
C SER A 115 -7.78 -8.72 -6.87
N HIS A 116 -6.56 -8.24 -6.68
CA HIS A 116 -6.37 -6.83 -6.33
C HIS A 116 -6.80 -5.91 -7.48
N CYS A 117 -6.38 -6.24 -8.70
CA CYS A 117 -6.85 -5.50 -9.87
C CYS A 117 -8.38 -5.48 -9.93
N ILE A 118 -9.01 -6.66 -9.84
CA ILE A 118 -10.45 -6.71 -10.01
C ILE A 118 -11.15 -5.96 -8.90
N GLN A 119 -10.59 -6.00 -7.69
CA GLN A 119 -11.19 -5.25 -6.59
C GLN A 119 -11.23 -3.75 -6.88
N GLN A 120 -10.15 -3.20 -7.42
CA GLN A 120 -10.15 -1.78 -7.77
C GLN A 120 -11.12 -1.49 -8.90
N ILE A 121 -11.14 -2.34 -9.92
CA ILE A 121 -12.13 -2.20 -10.97
C ILE A 121 -13.53 -2.20 -10.39
N LEU A 122 -13.78 -3.13 -9.46
CA LEU A 122 -15.09 -3.23 -8.83
C LEU A 122 -15.44 -1.99 -8.02
N GLU A 123 -14.46 -1.38 -7.36
CA GLU A 123 -14.72 -0.14 -6.66
C GLU A 123 -15.13 0.97 -7.62
N SER A 124 -14.44 1.07 -8.77
CA SER A 124 -14.79 2.10 -9.74
C SER A 124 -16.20 1.87 -10.29
N VAL A 125 -16.52 0.62 -10.61
CA VAL A 125 -17.82 0.29 -11.17
C VAL A 125 -18.92 0.48 -10.13
N ASN A 126 -18.68 0.09 -8.89
CA ASN A 126 -19.68 0.32 -7.85
C ASN A 126 -19.93 1.83 -7.68
N HIS A 127 -18.87 2.64 -7.79
CA HIS A 127 -19.04 4.09 -7.61
C HIS A 127 -19.84 4.70 -8.76
N CYS A 128 -19.62 4.22 -9.99
CA CYS A 128 -20.47 4.62 -11.10
C CYS A 128 -21.93 4.29 -10.82
N HIS A 129 -22.21 3.05 -10.44
CA HIS A 129 -23.59 2.60 -10.30
C HIS A 129 -24.31 3.36 -9.19
N LEU A 130 -23.63 3.63 -8.08
CA LEU A 130 -24.24 4.39 -7.01
C LEU A 130 -24.56 5.82 -7.44
N ASN A 131 -23.88 6.32 -8.46
CA ASN A 131 -24.13 7.63 -9.03
C ASN A 131 -24.98 7.58 -10.29
N GLY A 132 -25.63 6.45 -10.56
CA GLY A 132 -26.55 6.38 -11.68
C GLY A 132 -25.88 6.35 -13.03
N ILE A 133 -24.63 5.88 -13.11
CA ILE A 133 -23.87 5.83 -14.35
C ILE A 133 -23.63 4.37 -14.71
N VAL A 134 -24.02 3.98 -15.93
CA VAL A 134 -23.62 2.71 -16.52
C VAL A 134 -22.56 3.03 -17.57
N HIS A 135 -21.38 2.40 -17.45
CA HIS A 135 -20.25 2.72 -18.31
C HIS A 135 -20.47 2.19 -19.74
N ARG A 136 -20.88 0.93 -19.85
CA ARG A 136 -21.24 0.21 -21.07
C ARG A 136 -20.06 -0.21 -21.93
N ASP A 137 -18.84 0.17 -21.56
CA ASP A 137 -17.68 -0.15 -22.39
C ASP A 137 -16.51 -0.57 -21.51
N LEU A 138 -16.78 -1.32 -20.46
CA LEU A 138 -15.72 -1.91 -19.65
C LEU A 138 -14.94 -2.89 -20.51
N LYS A 139 -13.63 -2.66 -20.62
CA LYS A 139 -12.71 -3.50 -21.36
C LYS A 139 -11.30 -3.15 -20.94
N PRO A 140 -10.32 -4.03 -21.21
CA PRO A 140 -8.94 -3.74 -20.76
C PRO A 140 -8.45 -2.36 -21.16
N GLU A 141 -8.61 -1.98 -22.42
CA GLU A 141 -8.03 -0.74 -22.92
C GLU A 141 -8.62 0.50 -22.26
N ASN A 142 -9.71 0.37 -21.50
CA ASN A 142 -10.24 1.49 -20.75
C ASN A 142 -9.79 1.48 -19.30
N LEU A 143 -8.80 0.66 -18.95
CA LEU A 143 -8.29 0.54 -17.60
C LEU A 143 -6.86 1.07 -17.59
N LEU A 144 -6.65 2.21 -16.94
CA LEU A 144 -5.34 2.80 -16.83
C LEU A 144 -4.77 2.60 -15.43
N LEU A 145 -3.52 3.00 -15.25
CA LEU A 145 -2.80 2.84 -14.01
C LEU A 145 -2.17 4.16 -13.58
N ALA A 146 -2.30 4.47 -12.30
CA ALA A 146 -1.44 5.51 -11.75
C ALA A 146 0.00 4.99 -11.72
N SER A 147 0.95 5.92 -11.66
CA SER A 147 2.35 5.55 -11.71
C SER A 147 2.72 4.67 -10.50
N LYS A 148 3.66 3.75 -10.72
CA LYS A 148 4.22 2.97 -9.62
C LYS A 148 4.75 3.86 -8.52
N SER A 149 5.29 5.03 -8.88
CA SER A 149 5.75 5.96 -7.85
C SER A 149 4.59 6.51 -7.02
N LYS A 150 3.38 6.50 -7.56
CA LYS A 150 2.22 7.07 -6.88
C LYS A 150 1.25 6.04 -6.30
N GLY A 151 1.59 4.74 -6.34
CA GLY A 151 0.76 3.70 -5.76
C GLY A 151 0.12 2.73 -6.75
N ALA A 152 0.11 3.04 -8.05
CA ALA A 152 -0.35 2.11 -9.10
C ALA A 152 -1.83 1.78 -8.99
N ALA A 153 -2.65 2.77 -8.63
CA ALA A 153 -4.08 2.56 -8.58
C ALA A 153 -4.65 2.40 -9.99
N VAL A 154 -5.55 1.44 -10.14
CA VAL A 154 -6.26 1.28 -11.41
C VAL A 154 -7.22 2.43 -11.59
N LYS A 155 -7.28 2.96 -12.81
CA LYS A 155 -8.15 4.09 -13.15
C LYS A 155 -9.09 3.70 -14.27
N LEU A 156 -10.39 3.69 -14.00
CA LEU A 156 -11.38 3.52 -15.04
C LEU A 156 -11.46 4.78 -15.88
N ALA A 157 -11.39 4.63 -17.20
CA ALA A 157 -11.39 5.75 -18.13
C ALA A 157 -12.45 5.58 -19.22
N ASP A 158 -12.66 6.69 -19.91
CA ASP A 158 -13.42 6.87 -21.15
C ASP A 158 -14.90 6.59 -21.01
N PHE A 159 -15.67 7.64 -20.65
CA PHE A 159 -17.11 7.55 -20.49
C PHE A 159 -17.86 8.03 -21.73
N GLY A 160 -17.23 7.90 -22.90
CA GLY A 160 -17.88 8.30 -24.13
C GLY A 160 -19.13 7.51 -24.48
N LEU A 161 -19.24 6.29 -23.96
CA LEU A 161 -20.41 5.47 -24.21
C LEU A 161 -21.34 5.37 -23.01
N ALA A 162 -21.03 6.05 -21.92
CA ALA A 162 -21.73 5.86 -20.66
C ALA A 162 -23.09 6.55 -20.68
N ILE A 163 -24.03 5.98 -19.92
CA ILE A 163 -25.38 6.52 -19.82
C ILE A 163 -25.71 6.82 -18.37
N GLU A 164 -26.69 7.71 -18.18
CA GLU A 164 -27.25 8.02 -16.86
C GLU A 164 -28.54 7.24 -16.71
N VAL A 165 -28.71 6.54 -15.59
CA VAL A 165 -29.93 5.79 -15.33
C VAL A 165 -30.60 6.33 -14.08
N GLN A 166 -31.92 6.11 -14.00
CA GLN A 166 -32.71 6.52 -12.84
C GLN A 166 -32.82 5.32 -11.91
N GLY A 167 -32.02 5.33 -10.85
CA GLY A 167 -32.09 4.24 -9.89
C GLY A 167 -31.79 2.91 -10.55
N ASP A 168 -32.63 1.91 -10.26
CA ASP A 168 -32.44 0.58 -10.81
C ASP A 168 -33.39 0.29 -11.96
N GLN A 169 -34.00 1.33 -12.54
CA GLN A 169 -34.88 1.14 -13.68
C GLN A 169 -34.06 0.84 -14.93
N GLN A 170 -34.61 -0.04 -15.77
CA GLN A 170 -33.91 -0.53 -16.94
C GLN A 170 -34.71 -0.24 -18.20
N ALA A 171 -34.01 -0.05 -19.31
CA ALA A 171 -34.64 0.32 -20.56
C ALA A 171 -33.71 -0.05 -21.70
N TRP A 172 -34.25 -0.05 -22.92
CA TRP A 172 -33.41 -0.20 -24.10
C TRP A 172 -32.70 1.12 -24.34
N PHE A 173 -31.40 1.14 -24.07
CA PHE A 173 -30.60 2.35 -24.22
C PHE A 173 -29.75 2.34 -25.49
N GLY A 174 -29.98 1.39 -26.39
CA GLY A 174 -29.26 1.34 -27.65
C GLY A 174 -28.21 0.24 -27.66
N PHE A 175 -27.69 -0.02 -28.86
CA PHE A 175 -26.63 -1.00 -29.03
C PHE A 175 -25.28 -0.28 -28.92
N ALA A 176 -24.52 -0.57 -27.86
CA ALA A 176 -23.20 0.01 -27.67
C ALA A 176 -22.30 -0.97 -26.91
N GLY A 177 -21.00 -0.84 -27.15
CA GLY A 177 -20.00 -1.61 -26.44
C GLY A 177 -19.11 -2.37 -27.39
N THR A 178 -18.25 -3.20 -26.83
CA THR A 178 -17.28 -3.91 -27.63
C THR A 178 -17.67 -5.37 -27.75
N PRO A 179 -17.68 -5.94 -28.96
CA PRO A 179 -18.21 -7.30 -29.17
C PRO A 179 -17.83 -8.35 -28.14
N GLY A 180 -16.53 -8.54 -27.87
CA GLY A 180 -16.09 -9.52 -26.88
C GLY A 180 -16.69 -9.35 -25.50
N TYR A 181 -17.21 -8.15 -25.18
CA TYR A 181 -17.65 -7.83 -23.82
C TYR A 181 -19.13 -7.54 -23.73
N LEU A 182 -19.86 -7.65 -24.82
CA LEU A 182 -21.30 -7.41 -24.81
C LEU A 182 -22.00 -8.45 -23.97
N SER A 183 -23.04 -8.03 -23.31
CA SER A 183 -23.84 -8.86 -22.43
C SER A 183 -24.97 -9.54 -23.21
N PRO A 184 -25.45 -10.68 -22.73
CA PRO A 184 -26.58 -11.35 -23.39
C PRO A 184 -27.82 -10.47 -23.50
N GLU A 185 -28.13 -9.67 -22.48
CA GLU A 185 -29.34 -8.87 -22.57
C GLU A 185 -29.25 -7.84 -23.69
N VAL A 186 -28.07 -7.29 -23.93
CA VAL A 186 -27.91 -6.32 -25.02
C VAL A 186 -28.04 -7.03 -26.38
N LEU A 187 -27.42 -8.21 -26.50
CA LEU A 187 -27.48 -8.96 -27.76
C LEU A 187 -28.89 -9.46 -28.06
N ARG A 188 -29.70 -9.71 -27.03
CA ARG A 188 -31.11 -10.05 -27.22
C ARG A 188 -31.96 -8.81 -27.46
N LYS A 189 -31.36 -7.63 -27.42
CA LYS A 189 -32.08 -6.37 -27.55
C LYS A 189 -33.10 -6.20 -26.43
N ASP A 190 -32.85 -6.80 -25.27
CA ASP A 190 -33.69 -6.61 -24.10
C ASP A 190 -33.34 -5.31 -23.40
N PRO A 191 -34.27 -4.75 -22.61
CA PRO A 191 -33.91 -3.64 -21.73
C PRO A 191 -32.79 -4.07 -20.79
N TYR A 192 -31.98 -3.11 -20.36
CA TYR A 192 -30.80 -3.45 -19.60
C TYR A 192 -30.43 -2.28 -18.70
N GLY A 193 -29.33 -2.45 -17.96
CA GLY A 193 -28.84 -1.43 -17.06
C GLY A 193 -27.50 -1.74 -16.45
N LYS A 194 -27.36 -1.46 -15.15
CA LYS A 194 -26.10 -1.69 -14.43
C LYS A 194 -25.51 -3.08 -14.61
N PRO A 195 -26.29 -4.17 -14.67
CA PRO A 195 -25.64 -5.49 -14.77
C PRO A 195 -24.77 -5.67 -16.00
N VAL A 196 -24.94 -4.88 -17.08
CA VAL A 196 -24.10 -5.11 -18.25
C VAL A 196 -22.62 -4.86 -17.91
N ASP A 197 -22.35 -4.03 -16.92
CA ASP A 197 -20.97 -3.75 -16.51
C ASP A 197 -20.39 -4.89 -15.70
N MET A 198 -21.23 -5.58 -14.92
CA MET A 198 -20.74 -6.74 -14.19
C MET A 198 -20.45 -7.90 -15.14
N TRP A 199 -21.21 -8.04 -16.22
CA TRP A 199 -20.90 -9.04 -17.24
C TRP A 199 -19.50 -8.78 -17.81
N ALA A 200 -19.25 -7.55 -18.25
CA ALA A 200 -17.93 -7.22 -18.77
C ALA A 200 -16.86 -7.43 -17.71
N CYS A 201 -17.13 -7.04 -16.46
CA CYS A 201 -16.19 -7.33 -15.38
CA CYS A 201 -16.16 -7.32 -15.40
C CYS A 201 -15.86 -8.81 -15.30
N GLY A 202 -16.85 -9.67 -15.57
CA GLY A 202 -16.60 -11.10 -15.53
C GLY A 202 -15.74 -11.57 -16.68
N VAL A 203 -15.96 -11.01 -17.88
CA VAL A 203 -15.07 -11.31 -19.00
C VAL A 203 -13.65 -10.90 -18.66
N ILE A 204 -13.48 -9.70 -18.06
CA ILE A 204 -12.16 -9.17 -17.74
C ILE A 204 -11.48 -10.07 -16.71
N LEU A 205 -12.22 -10.50 -15.69
CA LEU A 205 -11.66 -11.37 -14.66
C LEU A 205 -11.15 -12.69 -15.26
N TYR A 206 -11.96 -13.33 -16.11
CA TYR A 206 -11.53 -14.51 -16.86
C TYR A 206 -10.17 -14.28 -17.54
N ILE A 207 -10.05 -13.20 -18.30
CA ILE A 207 -8.82 -12.92 -19.03
C ILE A 207 -7.67 -12.71 -18.05
N LEU A 208 -7.94 -12.02 -16.92
CA LEU A 208 -6.89 -11.79 -15.93
C LEU A 208 -6.32 -13.10 -15.39
N LEU A 209 -7.13 -14.17 -15.36
CA LEU A 209 -6.68 -15.42 -14.77
C LEU A 209 -5.89 -16.30 -15.75
N VAL A 210 -6.27 -16.34 -17.03
CA VAL A 210 -5.60 -17.26 -17.95
C VAL A 210 -5.10 -16.61 -19.23
N GLY A 211 -5.47 -15.35 -19.48
CA GLY A 211 -4.86 -14.60 -20.58
C GLY A 211 -5.52 -14.72 -21.94
N TYR A 212 -6.69 -15.32 -22.04
CA TYR A 212 -7.47 -15.41 -23.26
C TYR A 212 -8.94 -15.26 -22.87
N PRO A 213 -9.82 -14.91 -23.80
CA PRO A 213 -11.20 -14.53 -23.44
C PRO A 213 -12.11 -15.73 -23.30
N PRO A 214 -13.25 -15.58 -22.56
CA PRO A 214 -14.18 -16.70 -22.38
C PRO A 214 -15.05 -16.95 -23.60
N PHE A 215 -15.28 -15.91 -24.39
CA PHE A 215 -16.10 -16.00 -25.59
C PHE A 215 -15.25 -15.52 -26.76
N TRP A 216 -15.09 -16.37 -27.77
CA TRP A 216 -14.35 -15.93 -28.95
C TRP A 216 -14.70 -16.76 -30.17
N ASP A 217 -14.80 -16.09 -31.31
CA ASP A 217 -14.87 -16.73 -32.62
C ASP A 217 -14.52 -15.65 -33.65
N GLU A 218 -13.70 -16.02 -34.64
CA GLU A 218 -13.37 -15.07 -35.70
C GLU A 218 -14.60 -14.65 -36.48
N ASP A 219 -15.64 -15.49 -36.46
CA ASP A 219 -16.95 -15.16 -37.01
C ASP A 219 -17.76 -14.49 -35.89
N GLN A 220 -18.06 -13.19 -36.08
CA GLN A 220 -18.75 -12.42 -35.04
C GLN A 220 -20.14 -12.97 -34.75
N HIS A 221 -20.80 -13.52 -35.76
CA HIS A 221 -22.09 -14.15 -35.55
C HIS A 221 -21.99 -15.34 -34.59
N ARG A 222 -20.93 -16.13 -34.70
CA ARG A 222 -20.77 -17.24 -33.77
C ARG A 222 -20.31 -16.78 -32.39
N LEU A 223 -19.52 -15.69 -32.34
CA LEU A 223 -19.20 -15.09 -31.06
C LEU A 223 -20.47 -14.72 -30.31
N TYR A 224 -21.40 -14.07 -31.00
CA TYR A 224 -22.64 -13.63 -30.36
C TYR A 224 -23.48 -14.82 -29.94
N GLN A 225 -23.53 -15.87 -30.76
CA GLN A 225 -24.26 -17.06 -30.38
C GLN A 225 -23.71 -17.64 -29.08
N GLN A 226 -22.39 -17.61 -28.91
CA GLN A 226 -21.78 -18.16 -27.70
C GLN A 226 -22.08 -17.29 -26.48
N ILE A 227 -22.05 -15.97 -26.64
CA ILE A 227 -22.41 -15.09 -25.52
C ILE A 227 -23.86 -15.28 -25.13
N LYS A 228 -24.75 -15.32 -26.13
CA LYS A 228 -26.18 -15.44 -25.82
C LYS A 228 -26.48 -16.75 -25.10
N ALA A 229 -25.74 -17.81 -25.41
CA ALA A 229 -25.85 -19.08 -24.68
C ALA A 229 -25.19 -19.02 -23.32
N GLY A 230 -24.32 -18.03 -23.09
CA GLY A 230 -23.55 -17.98 -21.86
C GLY A 230 -22.63 -19.16 -21.68
N ALA A 231 -22.17 -19.74 -22.77
CA ALA A 231 -21.49 -21.02 -22.76
C ALA A 231 -19.97 -20.79 -22.71
N TYR A 232 -19.48 -20.58 -21.49
CA TYR A 232 -18.06 -20.50 -21.20
C TYR A 232 -17.66 -21.68 -20.32
N ASP A 233 -16.38 -21.98 -20.28
CA ASP A 233 -15.91 -23.09 -19.45
C ASP A 233 -14.49 -22.82 -18.97
N PHE A 234 -13.98 -23.77 -18.18
CA PHE A 234 -12.69 -23.67 -17.51
C PHE A 234 -11.78 -24.83 -17.94
N PRO A 235 -11.25 -24.80 -19.17
CA PRO A 235 -10.54 -25.98 -19.68
C PRO A 235 -9.25 -26.29 -18.94
N SER A 236 -8.89 -27.55 -18.98
CA SER A 236 -7.62 -28.06 -18.48
C SER A 236 -6.51 -27.87 -19.50
N PRO A 237 -5.26 -27.75 -19.07
CA PRO A 237 -4.83 -27.83 -17.66
C PRO A 237 -4.81 -26.49 -16.91
N GLU A 238 -4.84 -25.36 -17.63
CA GLU A 238 -4.52 -24.09 -16.99
C GLU A 238 -5.50 -23.73 -15.89
N TRP A 239 -6.77 -24.11 -16.03
CA TRP A 239 -7.73 -23.78 -14.97
C TRP A 239 -7.67 -24.74 -13.79
N ASP A 240 -6.96 -25.86 -13.89
CA ASP A 240 -6.91 -26.79 -12.76
C ASP A 240 -6.14 -26.21 -11.59
N THR A 241 -5.24 -25.27 -11.84
CA THR A 241 -4.46 -24.59 -10.81
C THR A 241 -5.14 -23.36 -10.24
N VAL A 242 -6.31 -22.97 -10.80
CA VAL A 242 -7.08 -21.80 -10.37
C VAL A 242 -7.99 -22.22 -9.22
N THR A 243 -8.09 -21.37 -8.19
CA THR A 243 -8.86 -21.75 -7.02
C THR A 243 -10.33 -21.83 -7.38
N PRO A 244 -11.09 -22.69 -6.69
CA PRO A 244 -12.54 -22.73 -6.95
C PRO A 244 -13.24 -21.43 -6.62
N GLU A 245 -12.72 -20.65 -5.65
CA GLU A 245 -13.37 -19.40 -5.30
C GLU A 245 -13.28 -18.38 -6.43
N ALA A 246 -12.13 -18.34 -7.11
CA ALA A 246 -11.99 -17.46 -8.27
C ALA A 246 -13.00 -17.85 -9.37
N LYS A 247 -13.06 -19.15 -9.70
CA LYS A 247 -14.06 -19.61 -10.67
C LYS A 247 -15.48 -19.26 -10.23
N ASP A 248 -15.76 -19.36 -8.94
CA ASP A 248 -17.10 -19.09 -8.43
C ASP A 248 -17.49 -17.63 -8.66
N LEU A 249 -16.55 -16.72 -8.46
CA LEU A 249 -16.84 -15.31 -8.68
C LEU A 249 -17.14 -15.05 -10.16
N ILE A 250 -16.39 -15.69 -11.05
CA ILE A 250 -16.68 -15.60 -12.49
C ILE A 250 -18.09 -16.11 -12.77
N ASN A 251 -18.47 -17.22 -12.13
CA ASN A 251 -19.79 -17.79 -12.34
C ASN A 251 -20.88 -16.78 -11.99
N LYS A 252 -20.69 -16.03 -10.92
CA LYS A 252 -21.73 -15.11 -10.45
C LYS A 252 -21.83 -13.88 -11.33
N MET A 253 -20.78 -13.55 -12.05
CA MET A 253 -20.77 -12.40 -12.95
C MET A 253 -21.24 -12.74 -14.35
N LEU A 254 -21.00 -13.97 -14.79
CA LEU A 254 -21.31 -14.37 -16.15
C LEU A 254 -22.59 -15.19 -16.24
N THR A 255 -23.56 -14.95 -15.36
CA THR A 255 -24.86 -15.57 -15.55
C THR A 255 -25.70 -14.75 -16.52
N ILE A 256 -26.40 -15.45 -17.43
CA ILE A 256 -27.05 -14.73 -18.51
C ILE A 256 -28.33 -14.04 -18.06
N ASN A 257 -28.92 -14.43 -16.93
CA ASN A 257 -30.03 -13.66 -16.38
C ASN A 257 -29.51 -12.48 -15.58
N PRO A 258 -29.62 -11.25 -16.08
CA PRO A 258 -29.04 -10.11 -15.34
C PRO A 258 -29.63 -9.91 -13.97
N ALA A 259 -30.86 -10.40 -13.75
CA ALA A 259 -31.47 -10.31 -12.43
C ALA A 259 -30.69 -11.14 -11.40
N LYS A 260 -30.13 -12.27 -11.82
CA LYS A 260 -29.40 -13.15 -10.92
C LYS A 260 -27.91 -12.82 -10.83
N ARG A 261 -27.42 -11.88 -11.64
CA ARG A 261 -25.99 -11.58 -11.67
C ARG A 261 -25.57 -10.83 -10.40
N ILE A 262 -24.38 -11.17 -9.90
CA ILE A 262 -23.84 -10.46 -8.74
C ILE A 262 -23.68 -8.98 -9.08
N THR A 263 -23.96 -8.12 -8.11
CA THR A 263 -23.73 -6.69 -8.27
C THR A 263 -22.32 -6.36 -7.82
N ALA A 264 -21.85 -5.16 -8.20
CA ALA A 264 -20.49 -4.75 -7.83
C ALA A 264 -20.34 -4.66 -6.32
N SER A 265 -21.38 -4.15 -5.65
CA SER A 265 -21.36 -4.07 -4.19
C SER A 265 -21.26 -5.45 -3.56
N GLU A 266 -21.97 -6.43 -4.12
CA GLU A 266 -21.88 -7.80 -3.60
C GLU A 266 -20.54 -8.43 -3.93
N ALA A 267 -20.02 -8.19 -5.14
CA ALA A 267 -18.77 -8.82 -5.55
C ALA A 267 -17.61 -8.35 -4.68
N LEU A 268 -17.67 -7.11 -4.20
CA LEU A 268 -16.65 -6.61 -3.28
C LEU A 268 -16.64 -7.39 -1.97
N LYS A 269 -17.72 -8.10 -1.64
CA LYS A 269 -17.77 -8.91 -0.44
C LYS A 269 -17.43 -10.37 -0.70
N HIS A 270 -17.11 -10.73 -1.94
CA HIS A 270 -16.78 -12.12 -2.23
C HIS A 270 -15.46 -12.49 -1.56
N PRO A 271 -15.35 -13.71 -1.02
CA PRO A 271 -14.12 -14.09 -0.29
C PRO A 271 -12.84 -13.98 -1.11
N TRP A 272 -12.89 -14.32 -2.40
CA TRP A 272 -11.70 -14.19 -3.23
C TRP A 272 -11.24 -12.74 -3.34
N ILE A 273 -12.16 -11.79 -3.18
CA ILE A 273 -11.83 -10.36 -3.23
C ILE A 273 -11.44 -9.83 -1.86
N CYS A 274 -12.26 -10.09 -0.82
CA CYS A 274 -12.08 -9.44 0.47
C CYS A 274 -11.30 -10.29 1.48
N GLN A 275 -10.96 -11.53 1.14
CA GLN A 275 -10.08 -12.38 1.93
C GLN A 275 -8.98 -12.94 1.04
N ARG A 276 -8.37 -12.06 0.24
CA ARG A 276 -7.50 -12.50 -0.83
C ARG A 276 -6.23 -13.18 -0.30
N SER A 277 -5.68 -12.70 0.82
CA SER A 277 -4.47 -13.33 1.36
C SER A 277 -4.68 -14.79 1.72
N THR A 278 -5.90 -15.17 2.14
CA THR A 278 -6.14 -16.56 2.52
C THR A 278 -6.93 -17.35 1.49
N VAL A 279 -7.54 -16.70 0.51
CA VAL A 279 -8.38 -17.36 -0.47
C VAL A 279 -7.71 -17.44 -1.84
N ALA A 280 -7.00 -16.38 -2.23
CA ALA A 280 -6.38 -16.34 -3.55
C ALA A 280 -5.04 -17.07 -3.53
N SER A 281 -4.76 -17.80 -4.60
CA SER A 281 -3.48 -18.50 -4.73
C SER A 281 -2.35 -17.51 -5.01
N MET A 282 -1.14 -17.85 -4.53
CA MET A 282 0.03 -17.00 -4.69
C MET A 282 0.98 -17.53 -5.76
N MET A 283 0.56 -18.56 -6.49
CA MET A 283 1.37 -19.20 -7.50
C MET A 283 1.53 -18.29 -8.73
N HIS A 284 2.76 -18.13 -9.21
CA HIS A 284 3.00 -17.41 -10.45
C HIS A 284 2.33 -18.13 -11.61
N ARG A 285 1.66 -17.39 -12.48
CA ARG A 285 0.94 -17.99 -13.61
C ARG A 285 1.63 -17.52 -14.88
N GLN A 286 2.76 -18.16 -15.20
CA GLN A 286 3.54 -17.73 -16.36
C GLN A 286 2.78 -17.93 -17.66
N GLU A 287 1.91 -18.96 -17.74
CA GLU A 287 1.13 -19.17 -18.97
C GLU A 287 0.14 -18.04 -19.21
N THR A 288 -0.42 -17.46 -18.14
CA THR A 288 -1.29 -16.30 -18.28
C THR A 288 -0.54 -15.12 -18.88
N VAL A 289 0.69 -14.88 -18.42
CA VAL A 289 1.50 -13.81 -19.00
C VAL A 289 1.74 -14.07 -20.47
N ASP A 290 2.14 -15.31 -20.81
CA ASP A 290 2.42 -15.64 -22.21
C ASP A 290 1.19 -15.42 -23.08
N CYS A 291 0.02 -15.89 -22.64
CA CYS A 291 -1.19 -15.75 -23.44
C CYS A 291 -1.65 -14.28 -23.51
N LEU A 292 -1.46 -13.53 -22.42
CA LEU A 292 -1.86 -12.13 -22.39
C LEU A 292 -1.08 -11.32 -23.41
N LYS A 293 0.24 -11.58 -23.50
CA LYS A 293 1.06 -10.91 -24.51
C LYS A 293 0.49 -11.12 -25.90
N LYS A 294 0.12 -12.36 -26.23
CA LYS A 294 -0.54 -12.62 -27.51
C LYS A 294 -1.89 -11.93 -27.57
N PHE A 295 -2.67 -11.99 -26.49
CA PHE A 295 -3.96 -11.32 -26.45
C PHE A 295 -3.83 -9.84 -26.76
N ASN A 296 -2.88 -9.17 -26.09
CA ASN A 296 -2.63 -7.74 -26.32
C ASN A 296 -2.23 -7.47 -27.75
N ALA A 297 -1.31 -8.28 -28.28
CA ALA A 297 -0.77 -8.03 -29.60
C ALA A 297 -1.83 -8.16 -30.67
N ARG A 298 -2.75 -9.11 -30.50
CA ARG A 298 -3.81 -9.28 -31.49
C ARG A 298 -4.78 -8.11 -31.48
N ARG A 299 -5.04 -7.54 -30.29
CA ARG A 299 -5.96 -6.42 -30.16
C ARG A 299 -5.40 -5.14 -30.75
N LYS A 300 -4.08 -5.04 -30.91
CA LYS A 300 -3.48 -3.91 -31.60
C LYS A 300 -3.64 -3.98 -33.11
N LEU A 301 -3.92 -5.15 -33.67
CA LEU A 301 -3.85 -5.33 -35.10
C LEU A 301 -5.22 -5.25 -35.78
N GLU B 14 35.71 -30.75 -22.45
CA GLU B 14 35.84 -30.35 -23.85
C GLU B 14 36.51 -28.96 -24.01
N TYR B 15 36.72 -28.26 -22.89
CA TYR B 15 37.34 -26.93 -22.94
C TYR B 15 38.47 -26.85 -21.92
N GLN B 16 39.53 -26.15 -22.30
CA GLN B 16 40.65 -25.89 -21.40
C GLN B 16 40.58 -24.44 -20.92
N LEU B 17 40.62 -24.26 -19.61
CA LEU B 17 40.40 -22.95 -18.99
C LEU B 17 41.70 -22.23 -18.73
N PHE B 18 41.72 -20.92 -19.02
CA PHE B 18 42.90 -20.13 -18.74
C PHE B 18 42.57 -18.95 -17.83
N GLU B 19 43.21 -17.81 -18.03
CA GLU B 19 43.19 -16.74 -17.05
C GLU B 19 41.80 -16.10 -16.96
N GLU B 20 41.52 -15.52 -15.79
CA GLU B 20 40.33 -14.74 -15.58
C GLU B 20 40.42 -13.40 -16.31
N LEU B 21 39.34 -13.00 -16.98
CA LEU B 21 39.32 -11.74 -17.72
C LEU B 21 38.62 -10.62 -16.98
N GLY B 22 37.54 -10.91 -16.28
CA GLY B 22 36.82 -9.90 -15.53
C GLY B 22 35.71 -10.58 -14.74
N SER B 27 29.16 -13.40 -11.65
CA SER B 27 29.84 -14.31 -12.59
C SER B 27 31.33 -13.99 -12.77
N VAL B 28 32.02 -14.87 -13.48
CA VAL B 28 33.39 -14.61 -13.90
C VAL B 28 33.52 -14.91 -15.38
N VAL B 29 34.46 -14.23 -16.03
CA VAL B 29 34.73 -14.41 -17.46
C VAL B 29 36.17 -14.85 -17.62
N ARG B 30 36.39 -16.00 -18.24
CA ARG B 30 37.73 -16.54 -18.40
C ARG B 30 38.03 -16.84 -19.85
N ARG B 31 39.26 -16.55 -20.27
CA ARG B 31 39.79 -17.05 -21.53
C ARG B 31 39.79 -18.57 -21.50
N CYS B 32 39.48 -19.19 -22.64
CA CYS B 32 39.51 -20.64 -22.70
C CYS B 32 39.81 -21.07 -24.12
N MET B 33 40.10 -22.35 -24.27
CA MET B 33 40.38 -22.96 -25.57
C MET B 33 39.54 -24.22 -25.72
N LYS B 34 38.85 -24.33 -26.85
CA LYS B 34 38.13 -25.56 -27.16
C LYS B 34 39.14 -26.67 -27.47
N ILE B 35 39.00 -27.80 -26.80
CA ILE B 35 39.92 -28.92 -26.98
C ILE B 35 39.83 -29.46 -28.41
N PRO B 36 38.68 -29.96 -28.86
CA PRO B 36 38.67 -30.75 -30.11
C PRO B 36 39.09 -29.99 -31.35
N THR B 37 39.26 -28.67 -31.27
CA THR B 37 39.58 -27.88 -32.47
C THR B 37 40.61 -26.78 -32.25
N GLY B 38 40.83 -26.30 -31.02
CA GLY B 38 41.95 -25.41 -30.74
C GLY B 38 41.67 -23.92 -30.83
N GLN B 39 40.41 -23.49 -30.88
CA GLN B 39 40.11 -22.07 -30.96
C GLN B 39 40.02 -21.45 -29.57
N GLU B 40 40.20 -20.14 -29.52
CA GLU B 40 40.13 -19.38 -28.27
C GLU B 40 38.73 -18.78 -28.11
N TYR B 41 38.23 -18.81 -26.88
CA TYR B 41 36.91 -18.25 -26.56
C TYR B 41 36.95 -17.59 -25.19
N ALA B 42 35.88 -16.86 -24.89
CA ALA B 42 35.65 -16.28 -23.56
C ALA B 42 34.39 -16.92 -22.98
N ALA B 43 34.53 -17.55 -21.82
CA ALA B 43 33.43 -18.23 -21.16
C ALA B 43 32.95 -17.36 -20.00
N LYS B 44 31.69 -16.93 -20.08
CA LYS B 44 31.02 -16.39 -18.90
C LYS B 44 30.53 -17.56 -18.08
N ILE B 45 31.04 -17.68 -16.85
CA ILE B 45 30.84 -18.88 -16.03
C ILE B 45 29.94 -18.52 -14.87
N ILE B 46 28.84 -19.24 -14.74
CA ILE B 46 27.84 -18.96 -13.72
C ILE B 46 27.73 -20.17 -12.81
N ASN B 47 27.95 -19.95 -11.51
CA ASN B 47 27.75 -20.96 -10.48
C ASN B 47 26.26 -21.07 -10.19
N THR B 48 25.60 -22.05 -10.81
CA THR B 48 24.15 -22.14 -10.72
C THR B 48 23.65 -22.57 -9.34
N LYS B 49 24.51 -23.19 -8.52
CA LYS B 49 24.12 -23.60 -7.17
C LYS B 49 23.85 -22.44 -6.24
N LYS B 50 24.00 -21.19 -6.70
CA LYS B 50 23.78 -20.05 -5.82
C LYS B 50 22.61 -19.19 -6.25
N LEU B 51 22.01 -19.47 -7.40
CA LEU B 51 21.01 -18.59 -7.98
C LEU B 51 19.61 -19.02 -7.62
N SER B 52 18.74 -18.03 -7.40
CA SER B 52 17.32 -18.28 -7.24
C SER B 52 16.73 -18.84 -8.54
N ALA B 53 15.47 -19.27 -8.45
CA ALA B 53 14.73 -19.59 -9.66
C ALA B 53 14.72 -18.40 -10.62
N ARG B 54 14.56 -17.19 -10.07
CA ARG B 54 14.47 -16.00 -10.91
C ARG B 54 15.75 -15.79 -11.72
N ASP B 55 16.93 -15.94 -11.08
CA ASP B 55 18.18 -15.78 -11.80
C ASP B 55 18.41 -16.88 -12.83
N HIS B 56 17.94 -18.11 -12.55
CA HIS B 56 18.07 -19.18 -13.53
C HIS B 56 17.19 -18.93 -14.74
N GLN B 57 16.00 -18.38 -14.52
CA GLN B 57 15.15 -17.95 -15.64
C GLN B 57 15.81 -16.81 -16.41
N LYS B 58 16.51 -15.91 -15.73
CA LYS B 58 17.17 -14.84 -16.45
C LYS B 58 18.39 -15.33 -17.21
N LEU B 59 19.00 -16.42 -16.75
CA LEU B 59 20.14 -16.98 -17.46
C LEU B 59 19.70 -17.62 -18.78
N GLU B 60 18.55 -18.30 -18.78
CA GLU B 60 18.01 -18.84 -20.03
C GLU B 60 17.66 -17.72 -21.00
N ARG B 61 17.06 -16.64 -20.50
CA ARG B 61 16.72 -15.53 -21.36
C ARG B 61 17.98 -14.86 -21.89
N GLU B 62 19.01 -14.75 -21.05
CA GLU B 62 20.27 -14.15 -21.52
C GLU B 62 20.87 -14.98 -22.65
N ALA B 63 20.89 -16.30 -22.49
CA ALA B 63 21.41 -17.17 -23.56
C ALA B 63 20.57 -17.05 -24.82
N ARG B 64 19.24 -17.00 -24.68
CA ARG B 64 18.37 -16.83 -25.85
C ARG B 64 18.65 -15.49 -26.55
N ILE B 65 18.79 -14.41 -25.79
CA ILE B 65 19.07 -13.11 -26.39
C ILE B 65 20.43 -13.10 -27.08
N CYS B 66 21.43 -13.74 -26.47
CA CYS B 66 22.76 -13.72 -27.05
C CYS B 66 22.85 -14.59 -28.29
N ARG B 67 22.12 -15.70 -28.31
CA ARG B 67 22.01 -16.55 -29.49
C ARG B 67 21.40 -15.78 -30.65
N LEU B 68 20.47 -14.87 -30.36
CA LEU B 68 19.77 -14.13 -31.40
C LEU B 68 20.65 -13.10 -32.09
N LEU B 69 21.50 -12.41 -31.31
CA LEU B 69 22.17 -11.20 -31.78
C LEU B 69 23.49 -11.55 -32.45
N LYS B 70 23.56 -11.31 -33.75
CA LYS B 70 24.75 -11.58 -34.56
C LYS B 70 25.04 -10.31 -35.35
N HIS B 71 26.05 -9.55 -34.91
CA HIS B 71 26.34 -8.23 -35.46
C HIS B 71 27.81 -7.96 -35.21
N PRO B 72 28.47 -7.23 -36.12
CA PRO B 72 29.91 -6.98 -35.95
C PRO B 72 30.25 -6.18 -34.71
N ASN B 73 29.29 -5.50 -34.09
CA ASN B 73 29.57 -4.68 -32.92
C ASN B 73 28.98 -5.28 -31.64
N ILE B 74 28.60 -6.55 -31.68
CA ILE B 74 28.03 -7.23 -30.52
C ILE B 74 28.80 -8.53 -30.33
N VAL B 75 29.13 -8.85 -29.07
CA VAL B 75 29.78 -10.12 -28.78
C VAL B 75 28.96 -11.25 -29.38
N ARG B 76 29.61 -12.33 -29.76
CA ARG B 76 28.99 -13.42 -30.51
C ARG B 76 29.01 -14.69 -29.67
N LEU B 77 27.82 -15.23 -29.38
CA LEU B 77 27.74 -16.45 -28.61
C LEU B 77 28.14 -17.65 -29.45
N HIS B 78 28.96 -18.52 -28.87
CA HIS B 78 29.34 -19.77 -29.52
C HIS B 78 28.56 -20.96 -29.02
N ASP B 79 28.35 -21.06 -27.69
CA ASP B 79 27.56 -22.14 -27.13
C ASP B 79 27.03 -21.71 -25.78
N SER B 80 25.92 -22.33 -25.38
CA SER B 80 25.38 -22.22 -24.04
C SER B 80 25.34 -23.64 -23.47
N ILE B 81 26.05 -23.87 -22.37
CA ILE B 81 26.27 -25.22 -21.87
C ILE B 81 25.90 -25.27 -20.39
N SER B 82 24.95 -26.14 -20.06
CA SER B 82 24.52 -26.36 -18.69
C SER B 82 25.19 -27.63 -18.15
N GLU B 83 25.95 -27.48 -17.08
CA GLU B 83 26.51 -28.61 -16.34
C GLU B 83 25.94 -28.59 -14.93
N GLU B 84 26.36 -29.57 -14.12
CA GLU B 84 25.95 -29.57 -12.72
C GLU B 84 26.69 -28.48 -11.96
N GLY B 85 25.93 -27.63 -11.28
CA GLY B 85 26.50 -26.58 -10.47
C GLY B 85 27.08 -25.39 -11.23
N PHE B 86 27.22 -25.48 -12.55
CA PHE B 86 27.78 -24.37 -13.32
C PHE B 86 27.11 -24.30 -14.68
N HIS B 87 26.97 -23.06 -15.17
CA HIS B 87 26.55 -22.79 -16.54
C HIS B 87 27.61 -21.96 -17.25
N TYR B 88 27.81 -22.24 -18.53
CA TYR B 88 28.87 -21.64 -19.33
C TYR B 88 28.23 -20.99 -20.56
N LEU B 89 28.42 -19.69 -20.72
CA LEU B 89 28.09 -19.00 -21.95
C LEU B 89 29.41 -18.70 -22.65
N VAL B 90 29.64 -19.36 -23.78
CA VAL B 90 30.92 -19.31 -24.47
C VAL B 90 30.82 -18.35 -25.64
N PHE B 91 31.65 -17.31 -25.63
CA PHE B 91 31.60 -16.27 -26.66
C PHE B 91 32.89 -16.27 -27.46
N ASP B 92 32.80 -15.79 -28.70
CA ASP B 92 34.01 -15.49 -29.44
C ASP B 92 34.86 -14.51 -28.64
N LEU B 93 36.16 -14.74 -28.65
CA LEU B 93 37.09 -14.02 -27.80
C LEU B 93 37.50 -12.72 -28.49
N VAL B 94 37.41 -11.61 -27.76
CA VAL B 94 37.91 -10.32 -28.23
C VAL B 94 39.04 -9.91 -27.28
N THR B 95 40.11 -9.36 -27.86
CA THR B 95 41.35 -9.22 -27.10
C THR B 95 41.69 -7.77 -26.75
N GLY B 96 40.79 -6.83 -27.03
CA GLY B 96 41.13 -5.43 -26.89
C GLY B 96 40.93 -4.83 -25.51
N GLY B 97 40.11 -5.49 -24.68
CA GLY B 97 39.81 -4.96 -23.36
C GLY B 97 38.75 -3.87 -23.41
N GLU B 98 38.60 -3.18 -22.28
CA GLU B 98 37.61 -2.11 -22.19
C GLU B 98 38.03 -0.91 -23.05
N LEU B 99 37.07 -0.37 -23.80
CA LEU B 99 37.31 0.74 -24.72
C LEU B 99 37.92 1.95 -23.99
N PHE B 100 37.38 2.29 -22.82
CA PHE B 100 37.88 3.45 -22.08
C PHE B 100 39.31 3.27 -21.62
N GLU B 101 39.70 2.03 -21.29
CA GLU B 101 41.09 1.81 -20.91
C GLU B 101 42.02 1.94 -22.11
N ASP B 102 41.51 1.66 -23.31
CA ASP B 102 42.34 1.85 -24.50
C ASP B 102 42.48 3.32 -24.86
N ILE B 103 41.41 4.11 -24.70
CA ILE B 103 41.46 5.53 -25.07
C ILE B 103 42.52 6.26 -24.26
N VAL B 104 42.62 5.95 -22.97
CA VAL B 104 43.55 6.64 -22.09
C VAL B 104 45.00 6.43 -22.52
N ALA B 105 45.28 5.36 -23.27
CA ALA B 105 46.64 5.06 -23.72
C ALA B 105 46.96 5.62 -25.10
N ARG B 106 46.11 6.45 -25.68
CA ARG B 106 46.33 6.97 -27.04
C ARG B 106 47.01 8.34 -27.00
N GLU B 107 47.85 8.60 -28.02
CA GLU B 107 48.54 9.88 -28.12
C GLU B 107 47.71 10.93 -28.85
N TYR B 108 46.82 10.50 -29.73
CA TYR B 108 45.96 11.39 -30.49
C TYR B 108 44.52 10.91 -30.32
N TYR B 109 43.68 11.73 -29.68
CA TYR B 109 42.28 11.39 -29.48
C TYR B 109 41.43 12.65 -29.63
N SER B 110 40.46 12.62 -30.55
CA SER B 110 39.71 13.81 -30.96
C SER B 110 38.22 13.48 -31.06
N GLU B 111 37.41 14.52 -31.30
CA GLU B 111 35.99 14.33 -31.55
C GLU B 111 35.73 13.27 -32.62
N ALA B 112 36.52 13.30 -33.69
CA ALA B 112 36.33 12.32 -34.76
C ALA B 112 36.45 10.90 -34.24
N ASP B 113 37.36 10.69 -33.27
CA ASP B 113 37.51 9.37 -32.69
C ASP B 113 36.30 9.02 -31.83
N ALA B 114 35.87 9.97 -30.99
CA ALA B 114 34.68 9.73 -30.16
C ALA B 114 33.46 9.47 -31.03
N SER B 115 33.34 10.17 -32.16
CA SER B 115 32.19 9.95 -33.02
C SER B 115 32.26 8.58 -33.69
N HIS B 116 33.46 8.14 -34.05
CA HIS B 116 33.62 6.80 -34.59
C HIS B 116 33.23 5.74 -33.55
N CYS B 117 33.62 5.95 -32.29
CA CYS B 117 33.25 5.01 -31.24
C CYS B 117 31.74 4.95 -31.06
N ILE B 118 31.11 6.13 -30.94
CA ILE B 118 29.67 6.19 -30.72
C ILE B 118 28.91 5.64 -31.91
N GLN B 119 29.45 5.79 -33.13
CA GLN B 119 28.77 5.23 -34.30
C GLN B 119 28.66 3.71 -34.18
N GLN B 120 29.75 3.05 -33.79
CA GLN B 120 29.69 1.60 -33.60
C GLN B 120 28.77 1.23 -32.44
N ILE B 121 28.84 1.99 -31.34
CA ILE B 121 27.95 1.73 -30.22
C ILE B 121 26.50 1.88 -30.67
N LEU B 122 26.20 2.95 -31.38
CA LEU B 122 24.85 3.16 -31.91
C LEU B 122 24.43 2.03 -32.84
N GLU B 123 25.36 1.53 -33.67
CA GLU B 123 25.02 0.41 -34.54
C GLU B 123 24.63 -0.82 -33.73
N SER B 124 25.34 -1.08 -32.64
CA SER B 124 24.99 -2.27 -31.84
C SER B 124 23.66 -2.07 -31.14
N VAL B 125 23.41 -0.88 -30.61
CA VAL B 125 22.14 -0.56 -29.96
C VAL B 125 21.01 -0.65 -30.98
N ASN B 126 21.17 0.03 -32.12
CA ASN B 126 20.16 -0.07 -33.19
C ASN B 126 19.82 -1.52 -33.49
N HIS B 127 20.84 -2.36 -33.68
CA HIS B 127 20.60 -3.76 -33.98
C HIS B 127 19.82 -4.45 -32.87
N CYS B 128 20.13 -4.13 -31.61
CA CYS B 128 19.34 -4.67 -30.50
C CYS B 128 17.89 -4.24 -30.65
N HIS B 129 17.66 -2.94 -30.85
CA HIS B 129 16.29 -2.44 -30.86
C HIS B 129 15.50 -3.00 -32.03
N LEU B 130 16.13 -3.14 -33.20
CA LEU B 130 15.43 -3.71 -34.34
C LEU B 130 15.05 -5.17 -34.09
N ASN B 131 15.75 -5.85 -33.19
CA ASN B 131 15.44 -7.22 -32.81
C ASN B 131 14.68 -7.31 -31.49
N GLY B 132 14.08 -6.21 -31.04
CA GLY B 132 13.28 -6.25 -29.83
C GLY B 132 14.05 -6.55 -28.55
N ILE B 133 15.30 -6.14 -28.48
CA ILE B 133 16.13 -6.30 -27.30
C ILE B 133 16.44 -4.91 -26.75
N VAL B 134 16.18 -4.71 -25.45
CA VAL B 134 16.63 -3.51 -24.75
C VAL B 134 17.72 -3.93 -23.78
N HIS B 135 18.91 -3.33 -23.93
CA HIS B 135 20.07 -3.78 -23.16
C HIS B 135 19.92 -3.45 -21.68
N ARG B 136 19.52 -2.22 -21.36
CA ARG B 136 19.29 -1.64 -20.03
C ARG B 136 20.54 -1.45 -19.19
N ASP B 137 21.72 -1.82 -19.66
CA ASP B 137 22.93 -1.66 -18.84
C ASP B 137 24.07 -1.11 -19.68
N LEU B 138 23.77 -0.22 -20.62
CA LEU B 138 24.85 0.27 -21.48
C LEU B 138 25.76 1.20 -20.67
N LYS B 139 27.01 0.80 -20.54
CA LYS B 139 27.97 1.53 -19.74
C LYS B 139 29.36 1.22 -20.27
N PRO B 140 30.37 2.04 -19.96
CA PRO B 140 31.72 1.79 -20.50
C PRO B 140 32.22 0.37 -20.23
N GLU B 141 31.85 -0.18 -19.07
CA GLU B 141 32.25 -1.53 -18.67
C GLU B 141 31.87 -2.58 -19.69
N ASN B 142 30.75 -2.39 -20.39
CA ASN B 142 30.22 -3.39 -21.30
C ASN B 142 30.58 -3.11 -22.74
N LEU B 143 31.54 -2.21 -22.98
CA LEU B 143 32.07 -1.89 -24.30
C LEU B 143 33.51 -2.41 -24.39
N LEU B 144 33.72 -3.43 -25.23
CA LEU B 144 35.02 -4.05 -25.44
C LEU B 144 35.55 -3.68 -26.81
N LEU B 145 36.84 -3.91 -27.01
CA LEU B 145 37.50 -3.73 -28.30
C LEU B 145 37.88 -5.10 -28.86
N ALA B 146 37.70 -5.26 -30.17
CA ALA B 146 37.86 -6.59 -30.77
C ALA B 146 39.30 -7.08 -30.71
N SER B 147 40.27 -6.17 -30.80
CA SER B 147 41.69 -6.50 -30.70
C SER B 147 42.43 -5.27 -30.19
N LYS B 148 43.74 -5.42 -29.99
CA LYS B 148 44.58 -4.30 -29.59
C LYS B 148 45.18 -3.56 -30.78
N SER B 149 44.73 -3.85 -32.01
CA SER B 149 45.17 -3.15 -33.20
C SER B 149 44.48 -1.80 -33.34
N LYS B 150 45.17 -0.84 -33.94
CA LYS B 150 44.52 0.41 -34.32
C LYS B 150 43.31 0.12 -35.20
N GLY B 151 42.19 0.77 -34.91
CA GLY B 151 40.99 0.63 -35.70
C GLY B 151 40.09 -0.54 -35.34
N ALA B 152 40.44 -1.33 -34.32
CA ALA B 152 39.62 -2.46 -33.93
C ALA B 152 38.22 -2.01 -33.52
N ALA B 153 37.24 -2.87 -33.81
CA ALA B 153 35.84 -2.55 -33.60
C ALA B 153 35.44 -2.55 -32.13
N VAL B 154 34.49 -1.69 -31.78
CA VAL B 154 33.86 -1.72 -30.46
C VAL B 154 32.80 -2.82 -30.45
N LYS B 155 32.74 -3.57 -29.34
CA LYS B 155 31.80 -4.67 -29.20
C LYS B 155 30.97 -4.49 -27.95
N LEU B 156 29.66 -4.54 -28.10
CA LEU B 156 28.74 -4.46 -26.98
C LEU B 156 28.65 -5.82 -26.29
N ALA B 157 28.84 -5.83 -24.98
CA ALA B 157 28.91 -7.08 -24.23
C ALA B 157 27.88 -7.10 -23.11
N ASP B 158 27.76 -8.30 -22.53
CA ASP B 158 27.01 -8.63 -21.32
C ASP B 158 25.54 -8.27 -21.38
N PHE B 159 24.73 -9.23 -21.81
CA PHE B 159 23.29 -9.06 -21.93
C PHE B 159 22.55 -9.64 -20.72
N GLY B 160 23.22 -9.63 -19.56
CA GLY B 160 22.63 -10.21 -18.35
C GLY B 160 21.39 -9.48 -17.87
N LEU B 161 21.26 -8.20 -18.19
CA LEU B 161 20.12 -7.41 -17.75
C LEU B 161 19.14 -7.11 -18.88
N ALA B 162 19.43 -7.55 -20.10
CA ALA B 162 18.59 -7.21 -21.24
C ALA B 162 17.22 -7.86 -21.13
N ILE B 163 16.23 -7.23 -21.77
CA ILE B 163 14.88 -7.75 -21.84
C ILE B 163 14.44 -7.82 -23.29
N GLU B 164 13.41 -8.62 -23.52
CA GLU B 164 12.72 -8.72 -24.80
C GLU B 164 11.46 -7.88 -24.72
N VAL B 165 11.28 -6.98 -25.67
CA VAL B 165 10.08 -6.16 -25.73
C VAL B 165 9.27 -6.53 -26.96
N GLN B 166 7.99 -6.14 -26.93
CA GLN B 166 7.05 -6.36 -28.03
C GLN B 166 7.00 -5.08 -28.87
N GLY B 167 7.79 -5.04 -29.94
CA GLY B 167 7.78 -3.87 -30.77
C GLY B 167 8.16 -2.65 -29.97
N ASP B 168 7.42 -1.57 -30.18
CA ASP B 168 7.67 -0.32 -29.47
C ASP B 168 6.79 -0.15 -28.23
N GLN B 169 6.17 -1.23 -27.75
CA GLN B 169 5.37 -1.17 -26.54
C GLN B 169 6.26 -0.96 -25.33
N GLN B 170 5.94 0.04 -24.51
CA GLN B 170 6.68 0.27 -23.29
C GLN B 170 5.88 -0.14 -22.05
N ALA B 171 6.61 -0.43 -20.99
CA ALA B 171 6.01 -0.90 -19.75
C ALA B 171 7.04 -0.80 -18.62
N TRP B 172 6.57 -0.99 -17.39
CA TRP B 172 7.45 -1.03 -16.22
C TRP B 172 8.08 -2.41 -16.11
N PHE B 173 9.36 -2.51 -16.45
CA PHE B 173 10.09 -3.78 -16.38
C PHE B 173 10.97 -3.88 -15.13
N GLY B 174 10.81 -2.97 -14.18
CA GLY B 174 11.57 -3.02 -12.95
C GLY B 174 12.89 -2.25 -13.01
N PHE B 175 13.50 -2.12 -11.83
CA PHE B 175 14.77 -1.41 -11.74
C PHE B 175 15.90 -2.34 -12.17
N ALA B 176 16.67 -1.86 -13.16
CA ALA B 176 17.88 -2.51 -13.61
C ALA B 176 18.78 -1.44 -14.18
N GLY B 177 20.08 -1.55 -13.93
CA GLY B 177 21.06 -0.68 -14.53
C GLY B 177 22.03 -0.13 -13.51
N THR B 178 22.89 0.70 -13.99
CA THR B 178 23.92 1.29 -13.14
C THR B 178 23.55 2.73 -12.84
N PRO B 179 23.62 3.18 -11.57
CA PRO B 179 23.08 4.50 -11.21
C PRO B 179 23.40 5.66 -12.13
N GLY B 180 24.67 5.83 -12.51
CA GLY B 180 25.06 6.99 -13.32
C GLY B 180 24.46 6.99 -14.71
N TYR B 181 23.94 5.86 -15.18
CA TYR B 181 23.42 5.75 -16.53
C TYR B 181 21.91 5.60 -16.58
N LEU B 182 21.24 5.56 -15.43
CA LEU B 182 19.80 5.37 -15.43
C LEU B 182 19.10 6.57 -16.07
N SER B 183 17.96 6.27 -16.68
CA SER B 183 17.20 7.22 -17.47
C SER B 183 16.14 7.88 -16.60
N PRO B 184 15.67 9.05 -17.01
CA PRO B 184 14.62 9.72 -16.22
C PRO B 184 13.36 8.89 -16.06
N GLU B 185 12.89 8.22 -17.12
CA GLU B 185 11.63 7.49 -17.03
C GLU B 185 11.75 6.31 -16.06
N VAL B 186 12.91 5.63 -16.04
CA VAL B 186 13.13 4.57 -15.09
C VAL B 186 13.07 5.11 -13.67
N LEU B 187 13.72 6.26 -13.44
CA LEU B 187 13.77 6.82 -12.08
C LEU B 187 12.41 7.30 -11.63
N ARG B 188 11.55 7.75 -12.56
CA ARG B 188 10.16 8.08 -12.23
C ARG B 188 9.27 6.85 -12.06
N LYS B 189 9.82 5.65 -12.24
CA LYS B 189 9.05 4.39 -12.24
C LYS B 189 7.95 4.39 -13.30
N ASP B 190 8.23 4.92 -14.46
CA ASP B 190 7.26 4.97 -15.54
C ASP B 190 7.53 3.88 -16.56
N PRO B 191 6.55 3.55 -17.41
CA PRO B 191 6.82 2.65 -18.53
C PRO B 191 8.04 3.11 -19.31
N TYR B 192 8.85 2.14 -19.74
CA TYR B 192 10.06 2.48 -20.46
C TYR B 192 10.34 1.40 -21.49
N GLY B 193 11.34 1.66 -22.32
CA GLY B 193 11.58 0.74 -23.40
C GLY B 193 12.92 1.02 -24.04
N LYS B 194 12.98 0.94 -25.36
CA LYS B 194 14.19 1.25 -26.11
C LYS B 194 14.89 2.56 -25.74
N PRO B 195 14.20 3.69 -25.52
CA PRO B 195 14.95 4.95 -25.31
C PRO B 195 15.87 4.95 -24.09
N VAL B 196 15.72 4.01 -23.15
CA VAL B 196 16.63 4.03 -22.01
C VAL B 196 18.05 3.78 -22.48
N ASP B 197 18.22 2.95 -23.53
CA ASP B 197 19.56 2.70 -24.07
C ASP B 197 20.13 3.96 -24.69
N MET B 198 19.27 4.80 -25.29
CA MET B 198 19.76 6.00 -25.92
C MET B 198 20.11 7.07 -24.89
N TRP B 199 19.41 7.09 -23.75
CA TRP B 199 19.83 7.97 -22.67
C TRP B 199 21.25 7.64 -22.20
N ALA B 200 21.56 6.36 -21.95
CA ALA B 200 22.91 6.04 -21.47
C ALA B 200 23.97 6.24 -22.55
N CYS B 201 23.62 6.06 -23.82
CA CYS B 201 24.51 6.44 -24.93
CA CYS B 201 24.53 6.42 -24.90
C CYS B 201 24.90 7.91 -24.84
N GLY B 202 23.95 8.77 -24.49
CA GLY B 202 24.25 10.18 -24.31
C GLY B 202 25.21 10.41 -23.15
N VAL B 203 25.01 9.68 -22.05
CA VAL B 203 25.93 9.73 -20.92
C VAL B 203 27.33 9.33 -21.35
N ILE B 204 27.41 8.25 -22.14
CA ILE B 204 28.70 7.76 -22.62
C ILE B 204 29.32 8.76 -23.57
N LEU B 205 28.53 9.32 -24.49
CA LEU B 205 29.05 10.31 -25.43
C LEU B 205 29.65 11.51 -24.70
N TYR B 206 28.92 12.03 -23.71
CA TYR B 206 29.44 13.13 -22.89
C TYR B 206 30.80 12.77 -22.31
N ILE B 207 30.91 11.59 -21.70
CA ILE B 207 32.17 11.18 -21.09
C ILE B 207 33.27 11.03 -22.14
N LEU B 208 32.95 10.43 -23.29
CA LEU B 208 33.92 10.31 -24.37
C LEU B 208 34.51 11.66 -24.82
N LEU B 209 33.79 12.77 -24.63
CA LEU B 209 34.31 14.05 -25.11
C LEU B 209 35.18 14.79 -24.11
N VAL B 210 34.93 14.64 -22.81
CA VAL B 210 35.62 15.51 -21.85
C VAL B 210 36.18 14.74 -20.66
N GLY B 211 35.89 13.44 -20.55
CA GLY B 211 36.49 12.59 -19.53
C GLY B 211 35.86 12.61 -18.15
N TYR B 212 34.67 13.20 -18.01
CA TYR B 212 33.93 13.20 -16.75
C TYR B 212 32.46 13.13 -17.12
N PRO B 213 31.58 12.73 -16.19
CA PRO B 213 30.20 12.42 -16.56
C PRO B 213 29.31 13.64 -16.46
N PRO B 214 28.17 13.62 -17.15
CA PRO B 214 27.23 14.76 -17.04
C PRO B 214 26.51 14.82 -15.71
N PHE B 215 26.37 13.69 -15.01
CA PHE B 215 25.65 13.61 -13.75
C PHE B 215 26.53 12.89 -12.74
N TRP B 216 26.64 13.44 -11.54
CA TRP B 216 27.47 12.84 -10.51
C TRP B 216 27.04 13.31 -9.13
N ASP B 217 26.99 12.36 -8.18
CA ASP B 217 26.94 12.71 -6.76
C ASP B 217 27.28 11.48 -5.92
N GLU B 218 27.88 11.73 -4.75
CA GLU B 218 28.11 10.69 -3.75
C GLU B 218 26.81 10.06 -3.29
N ASP B 219 25.74 10.83 -3.29
CA ASP B 219 24.42 10.39 -2.86
C ASP B 219 23.60 10.11 -4.11
N GLN B 220 22.97 8.93 -4.16
CA GLN B 220 22.22 8.61 -5.37
C GLN B 220 20.97 9.49 -5.50
N HIS B 221 20.40 9.94 -4.38
CA HIS B 221 19.16 10.72 -4.49
C HIS B 221 19.40 12.01 -5.28
N ARG B 222 20.46 12.75 -4.93
CA ARG B 222 20.83 13.94 -5.71
C ARG B 222 21.26 13.55 -7.11
N LEU B 223 21.92 12.40 -7.26
CA LEU B 223 22.24 11.92 -8.60
C LEU B 223 20.97 11.79 -9.42
N TYR B 224 19.97 11.11 -8.87
CA TYR B 224 18.73 10.89 -9.60
C TYR B 224 18.00 12.21 -9.82
N GLN B 225 18.15 13.18 -8.92
CA GLN B 225 17.56 14.49 -9.13
C GLN B 225 18.14 15.17 -10.37
N GLN B 226 19.47 15.20 -10.48
CA GLN B 226 20.08 15.82 -11.66
C GLN B 226 19.65 15.10 -12.93
N ILE B 227 19.58 13.76 -12.89
CA ILE B 227 19.17 12.99 -14.07
C ILE B 227 17.75 13.35 -14.47
N LYS B 228 16.81 13.32 -13.52
CA LYS B 228 15.42 13.57 -13.84
C LYS B 228 15.17 15.02 -14.26
N ALA B 229 16.03 15.95 -13.82
CA ALA B 229 16.00 17.34 -14.27
C ALA B 229 16.73 17.57 -15.58
N GLY B 230 17.50 16.60 -16.05
CA GLY B 230 18.41 16.85 -17.16
C GLY B 230 19.40 17.95 -16.86
N ALA B 231 19.86 18.04 -15.61
CA ALA B 231 20.75 19.10 -15.16
C ALA B 231 22.19 18.71 -15.46
N TYR B 232 22.58 18.96 -16.70
CA TYR B 232 23.98 18.94 -17.10
C TYR B 232 24.26 20.25 -17.82
N ASP B 233 25.51 20.62 -17.92
CA ASP B 233 25.86 21.78 -18.71
C ASP B 233 27.13 21.47 -19.46
N PHE B 234 27.64 22.47 -20.19
CA PHE B 234 28.85 22.36 -20.99
C PHE B 234 29.82 23.44 -20.52
N PRO B 235 30.53 23.22 -19.40
CA PRO B 235 31.34 24.31 -18.83
C PRO B 235 32.52 24.70 -19.70
N SER B 236 32.86 25.98 -19.63
CA SER B 236 34.09 26.44 -20.25
C SER B 236 35.25 26.18 -19.30
N PRO B 237 36.48 26.05 -19.83
CA PRO B 237 36.84 26.20 -21.25
C PRO B 237 36.70 24.93 -22.09
N GLU B 238 36.68 23.75 -21.46
CA GLU B 238 36.85 22.53 -22.23
C GLU B 238 35.75 22.33 -23.25
N TRP B 239 34.52 22.73 -22.92
CA TRP B 239 33.46 22.56 -23.89
C TRP B 239 33.45 23.64 -24.96
N ASP B 240 34.20 24.73 -24.76
CA ASP B 240 34.18 25.81 -25.76
C ASP B 240 34.85 25.40 -27.06
N THR B 241 35.67 24.34 -27.04
CA THR B 241 36.35 23.83 -28.22
C THR B 241 35.61 22.66 -28.87
N VAL B 242 34.43 22.29 -28.34
CA VAL B 242 33.62 21.21 -28.87
C VAL B 242 32.60 21.76 -29.85
N THR B 243 32.40 21.06 -30.95
CA THR B 243 31.49 21.54 -31.98
C THR B 243 30.08 21.69 -31.44
N PRO B 244 29.33 22.70 -31.89
CA PRO B 244 27.90 22.78 -31.55
C PRO B 244 27.14 21.51 -31.94
N GLU B 245 27.58 20.84 -33.01
CA GLU B 245 26.88 19.65 -33.46
C GLU B 245 27.05 18.50 -32.48
N ALA B 246 28.26 18.30 -31.95
CA ALA B 246 28.43 17.28 -30.92
C ALA B 246 27.55 17.59 -29.72
N LYS B 247 27.54 18.85 -29.28
CA LYS B 247 26.62 19.26 -28.23
C LYS B 247 25.18 18.95 -28.63
N ASP B 248 24.80 19.23 -29.88
CA ASP B 248 23.43 19.01 -30.33
C ASP B 248 23.04 17.53 -30.22
N LEU B 249 23.92 16.62 -30.65
CA LEU B 249 23.61 15.20 -30.51
C LEU B 249 23.46 14.80 -29.05
N ILE B 250 24.36 15.28 -28.18
CA ILE B 250 24.22 15.03 -26.75
C ILE B 250 22.87 15.50 -26.25
N ASN B 251 22.48 16.71 -26.65
CA ASN B 251 21.19 17.25 -26.20
C ASN B 251 20.02 16.37 -26.61
N LYS B 252 20.09 15.79 -27.81
CA LYS B 252 19.00 14.98 -28.31
C LYS B 252 18.95 13.60 -27.64
N MET B 253 20.10 13.06 -27.24
CA MET B 253 20.15 11.82 -26.46
C MET B 253 19.78 12.06 -25.00
N LEU B 254 20.25 13.17 -24.41
CA LEU B 254 19.88 13.49 -23.03
C LEU B 254 18.61 14.32 -22.96
N THR B 255 17.62 13.92 -23.74
CA THR B 255 16.31 14.54 -23.74
C THR B 255 15.44 13.81 -22.72
N ILE B 256 14.80 14.57 -21.83
CA ILE B 256 14.10 13.99 -20.68
C ILE B 256 12.90 13.16 -21.13
N ASN B 257 12.08 13.71 -22.02
CA ASN B 257 10.92 13.02 -22.56
C ASN B 257 11.38 11.92 -23.51
N PRO B 258 11.20 10.64 -23.17
CA PRO B 258 11.68 9.59 -24.08
C PRO B 258 10.95 9.55 -25.41
N ALA B 259 9.73 10.09 -25.49
CA ALA B 259 9.05 10.17 -26.78
C ALA B 259 9.82 11.06 -27.74
N LYS B 260 10.38 12.16 -27.25
CA LYS B 260 11.13 13.09 -28.09
C LYS B 260 12.60 12.73 -28.23
N ARG B 261 13.12 11.83 -27.38
CA ARG B 261 14.54 11.49 -27.43
C ARG B 261 14.88 10.87 -28.77
N ILE B 262 16.09 11.14 -29.27
CA ILE B 262 16.49 10.62 -30.57
C ILE B 262 16.68 9.10 -30.47
N THR B 263 16.23 8.40 -31.51
CA THR B 263 16.44 6.96 -31.57
C THR B 263 17.83 6.64 -32.11
N ALA B 264 18.21 5.36 -31.98
CA ALA B 264 19.50 4.92 -32.50
C ALA B 264 19.58 5.08 -34.01
N SER B 265 18.52 4.67 -34.71
CA SER B 265 18.45 4.89 -36.15
C SER B 265 18.68 6.35 -36.51
N GLU B 266 17.96 7.27 -35.86
CA GLU B 266 18.09 8.67 -36.21
C GLU B 266 19.47 9.21 -35.86
N ALA B 267 20.05 8.76 -34.74
CA ALA B 267 21.35 9.28 -34.34
C ALA B 267 22.43 8.87 -35.33
N LEU B 268 22.26 7.71 -35.99
CA LEU B 268 23.18 7.34 -37.05
C LEU B 268 23.08 8.27 -38.27
N LYS B 269 22.05 9.12 -38.34
CA LYS B 269 21.85 10.08 -39.43
C LYS B 269 22.16 11.51 -39.01
N HIS B 270 22.64 11.71 -37.80
CA HIS B 270 23.08 13.02 -37.35
C HIS B 270 24.42 13.34 -37.99
N PRO B 271 24.62 14.58 -38.43
CA PRO B 271 25.83 14.88 -39.23
C PRO B 271 27.14 14.65 -38.48
N TRP B 272 27.17 14.88 -37.16
CA TRP B 272 28.38 14.59 -36.41
C TRP B 272 28.75 13.11 -36.46
N ILE B 273 27.79 12.24 -36.77
CA ILE B 273 28.03 10.81 -36.96
C ILE B 273 28.30 10.46 -38.41
N CYS B 274 27.39 10.83 -39.32
CA CYS B 274 27.45 10.39 -40.71
C CYS B 274 28.22 11.36 -41.61
N GLN B 275 28.63 12.53 -41.12
CA GLN B 275 29.49 13.46 -41.85
C GLN B 275 30.72 13.78 -41.00
N ARG B 276 31.22 12.74 -40.32
CA ARG B 276 32.27 12.88 -39.31
C ARG B 276 33.49 13.65 -39.81
N SER B 277 33.94 13.37 -41.03
CA SER B 277 35.19 13.93 -41.54
C SER B 277 35.13 15.45 -41.70
N THR B 278 33.95 16.02 -41.93
CA THR B 278 33.83 17.47 -42.06
C THR B 278 33.25 18.15 -40.82
N VAL B 279 32.45 17.43 -40.02
CA VAL B 279 31.72 18.04 -38.92
C VAL B 279 32.45 17.89 -37.59
N ALA B 280 33.08 16.73 -37.36
CA ALA B 280 33.80 16.50 -36.11
C ALA B 280 35.17 17.19 -36.12
N SER B 281 35.52 17.80 -35.01
CA SER B 281 36.84 18.38 -34.83
C SER B 281 37.91 17.29 -34.81
N MET B 282 39.06 17.61 -35.38
CA MET B 282 40.22 16.72 -35.36
C MET B 282 41.20 17.08 -34.26
N MET B 283 40.90 18.12 -33.48
CA MET B 283 41.80 18.59 -32.45
C MET B 283 42.00 17.53 -31.37
N HIS B 284 43.27 17.22 -31.09
CA HIS B 284 43.57 16.35 -29.96
C HIS B 284 43.09 16.98 -28.67
N ARG B 285 42.47 16.17 -27.82
CA ARG B 285 41.90 16.61 -26.55
C ARG B 285 42.68 15.92 -25.43
N GLN B 286 43.82 16.51 -25.08
CA GLN B 286 44.64 15.89 -24.02
C GLN B 286 43.96 15.98 -22.66
N GLU B 287 43.16 17.02 -22.42
CA GLU B 287 42.48 17.12 -21.14
C GLU B 287 41.48 15.97 -20.95
N THR B 288 40.81 15.59 -22.03
CA THR B 288 39.92 14.42 -22.02
C THR B 288 40.66 13.15 -21.64
N VAL B 289 41.82 12.93 -22.24
CA VAL B 289 42.61 11.75 -21.90
C VAL B 289 43.01 11.79 -20.43
N ASP B 290 43.43 12.95 -19.93
CA ASP B 290 43.84 13.07 -18.54
C ASP B 290 42.66 12.85 -17.58
N CYS B 291 41.54 13.52 -17.83
CA CYS B 291 40.38 13.32 -16.95
C CYS B 291 39.87 11.89 -17.01
N LEU B 292 39.89 11.28 -18.20
CA LEU B 292 39.38 9.92 -18.35
C LEU B 292 40.18 8.90 -17.54
N LYS B 293 41.49 9.12 -17.37
CA LYS B 293 42.28 8.25 -16.51
C LYS B 293 41.75 8.29 -15.08
N LYS B 294 41.33 9.47 -14.61
CA LYS B 294 40.84 9.60 -13.25
C LYS B 294 39.42 9.06 -13.13
N PHE B 295 38.58 9.31 -14.14
CA PHE B 295 37.25 8.71 -14.18
C PHE B 295 37.35 7.18 -14.13
N ASN B 296 38.25 6.60 -14.93
CA ASN B 296 38.34 5.13 -14.99
C ASN B 296 38.67 4.53 -13.62
N ALA B 297 39.56 5.19 -12.87
CA ALA B 297 40.06 4.61 -11.61
C ALA B 297 39.15 4.88 -10.42
N ARG B 298 38.30 5.91 -10.48
CA ARG B 298 37.53 6.28 -9.29
C ARG B 298 36.45 5.24 -9.00
N ARG B 299 36.00 5.23 -7.75
CA ARG B 299 34.90 4.35 -7.37
C ARG B 299 33.59 4.95 -7.84
N LYS B 300 32.71 4.11 -8.36
CA LYS B 300 31.39 4.56 -8.77
C LYS B 300 30.32 3.87 -7.93
N LEU B 301 29.16 4.51 -7.87
CA LEU B 301 27.98 3.90 -7.27
C LEU B 301 27.55 2.71 -8.12
N LYS B 302 27.28 1.59 -7.45
CA LYS B 302 26.81 0.40 -8.15
C LYS B 302 25.44 0.00 -7.60
N GLU C 14 8.06 -20.23 39.20
CA GLU C 14 8.29 -18.91 39.81
C GLU C 14 7.42 -17.83 39.17
N TYR C 15 6.85 -18.14 38.00
CA TYR C 15 6.03 -17.19 37.26
C TYR C 15 4.69 -17.81 36.90
N GLN C 16 3.68 -16.96 36.86
CA GLN C 16 2.36 -17.32 36.35
C GLN C 16 2.15 -16.60 35.02
N LEU C 17 1.78 -17.35 33.99
CA LEU C 17 1.56 -16.82 32.65
C LEU C 17 0.13 -16.35 32.45
N PHE C 18 -0.03 -15.19 31.82
CA PHE C 18 -1.35 -14.70 31.46
C PHE C 18 -1.48 -14.58 29.94
N GLU C 19 -2.16 -13.54 29.48
CA GLU C 19 -2.54 -13.46 28.07
C GLU C 19 -1.34 -13.17 27.18
N GLU C 20 -1.45 -13.63 25.92
CA GLU C 20 -0.44 -13.39 24.90
C GLU C 20 -0.50 -11.95 24.39
N LEU C 21 0.66 -11.29 24.34
CA LEU C 21 0.73 -9.93 23.83
C LEU C 21 1.07 -9.88 22.34
N GLY C 22 1.86 -10.83 21.84
CA GLY C 22 2.15 -10.87 20.43
C GLY C 22 3.03 -12.05 20.10
N LYS C 23 3.38 -12.14 18.82
CA LYS C 23 4.09 -13.29 18.29
C LYS C 23 5.32 -12.83 17.53
N GLY C 24 6.40 -13.61 17.67
CA GLY C 24 7.54 -13.52 16.77
C GLY C 24 7.66 -14.82 16.00
N ALA C 25 8.73 -14.97 15.21
CA ALA C 25 8.87 -16.13 14.33
C ALA C 25 8.75 -17.45 15.09
N PHE C 26 9.56 -17.63 16.13
CA PHE C 26 9.56 -18.82 16.98
C PHE C 26 9.41 -18.43 18.43
N SER C 27 8.51 -17.48 18.70
CA SER C 27 8.31 -16.99 20.06
C SER C 27 6.91 -16.43 20.20
N VAL C 28 6.46 -16.39 21.46
CA VAL C 28 5.29 -15.63 21.84
C VAL C 28 5.72 -14.74 23.00
N VAL C 29 5.01 -13.63 23.18
CA VAL C 29 5.19 -12.79 24.37
C VAL C 29 3.88 -12.78 25.14
N ARG C 30 3.95 -13.15 26.41
CA ARG C 30 2.79 -13.14 27.29
C ARG C 30 3.12 -12.32 28.53
N ARG C 31 2.12 -11.65 29.07
CA ARG C 31 2.27 -11.06 30.38
C ARG C 31 2.41 -12.19 31.41
N CYS C 32 3.19 -11.92 32.44
CA CYS C 32 3.39 -12.89 33.50
C CYS C 32 3.58 -12.14 34.81
N MET C 33 3.42 -12.88 35.90
CA MET C 33 3.60 -12.34 37.23
C MET C 33 4.59 -13.20 37.99
N LYS C 34 5.48 -12.55 38.74
CA LYS C 34 6.46 -13.22 39.57
C LYS C 34 5.81 -13.81 40.82
N GLN C 39 5.82 -7.22 40.54
CA GLN C 39 5.34 -8.58 40.39
C GLN C 39 5.06 -8.87 38.90
N GLU C 40 4.49 -7.93 38.15
CA GLU C 40 4.13 -8.17 36.74
C GLU C 40 5.30 -7.92 35.79
N TYR C 41 5.43 -8.78 34.77
CA TYR C 41 6.49 -8.68 33.77
C TYR C 41 5.96 -9.09 32.41
N ALA C 42 6.83 -9.04 31.40
CA ALA C 42 6.54 -9.60 30.09
C ALA C 42 7.53 -10.72 29.83
N ALA C 43 7.05 -11.85 29.30
CA ALA C 43 7.89 -13.00 29.03
C ALA C 43 7.91 -13.27 27.54
N LYS C 44 9.08 -13.18 26.93
CA LYS C 44 9.29 -13.65 25.56
C LYS C 44 9.70 -15.12 25.64
N ILE C 45 8.86 -16.00 25.11
CA ILE C 45 9.03 -17.44 25.25
C ILE C 45 9.41 -17.98 23.89
N ILE C 46 10.66 -18.44 23.78
CA ILE C 46 11.25 -18.90 22.54
C ILE C 46 11.11 -20.41 22.47
N ASN C 47 10.46 -20.90 21.43
CA ASN C 47 10.20 -22.32 21.34
C ASN C 47 11.37 -23.03 20.67
N THR C 48 11.29 -24.35 20.63
CA THR C 48 12.32 -25.17 20.02
C THR C 48 11.76 -25.96 18.83
N LYS C 49 10.83 -25.35 18.09
CA LYS C 49 10.40 -25.94 16.83
C LYS C 49 11.59 -26.10 15.87
N LYS C 50 12.42 -25.05 15.77
CA LYS C 50 13.58 -25.05 14.90
C LYS C 50 14.85 -25.28 15.74
N LEU C 51 15.62 -26.29 15.36
CA LEU C 51 16.89 -26.60 16.01
C LEU C 51 17.99 -26.46 14.97
N SER C 52 18.97 -25.61 15.26
CA SER C 52 20.14 -25.48 14.39
C SER C 52 21.39 -25.85 15.18
N ALA C 53 22.54 -25.71 14.52
CA ALA C 53 23.79 -26.23 15.07
C ALA C 53 24.15 -25.53 16.38
N ARG C 54 23.98 -24.21 16.45
CA ARG C 54 24.44 -23.48 17.63
C ARG C 54 23.30 -22.71 18.29
N ASP C 55 22.28 -23.43 18.75
CA ASP C 55 21.14 -22.78 19.38
C ASP C 55 21.54 -22.14 20.71
N HIS C 56 22.23 -22.89 21.57
CA HIS C 56 22.65 -22.36 22.86
C HIS C 56 23.38 -21.03 22.70
N GLN C 57 24.29 -20.95 21.73
CA GLN C 57 25.04 -19.73 21.50
C GLN C 57 24.15 -18.58 21.06
N LYS C 58 23.12 -18.89 20.26
CA LYS C 58 22.19 -17.85 19.82
C LYS C 58 21.33 -17.35 20.97
N LEU C 59 20.83 -18.27 21.80
CA LEU C 59 20.05 -17.84 22.96
C LEU C 59 20.90 -17.03 23.92
N GLU C 60 22.15 -17.46 24.15
CA GLU C 60 23.00 -16.75 25.10
C GLU C 60 23.36 -15.36 24.60
N ARG C 61 23.56 -15.21 23.29
CA ARG C 61 23.87 -13.90 22.73
C ARG C 61 22.73 -12.93 22.93
N GLU C 62 21.50 -13.35 22.60
CA GLU C 62 20.34 -12.46 22.77
C GLU C 62 20.16 -12.07 24.24
N ALA C 63 20.29 -13.03 25.16
CA ALA C 63 20.20 -12.71 26.58
C ALA C 63 21.34 -11.77 26.99
N ARG C 64 22.56 -12.09 26.58
CA ARG C 64 23.71 -11.23 26.89
C ARG C 64 23.49 -9.81 26.41
N ILE C 65 22.98 -9.65 25.19
CA ILE C 65 22.78 -8.32 24.62
C ILE C 65 21.70 -7.57 25.40
N CYS C 66 20.60 -8.25 25.74
CA CYS C 66 19.54 -7.59 26.48
C CYS C 66 19.97 -7.22 27.89
N ARG C 67 20.77 -8.09 28.55
CA ARG C 67 21.35 -7.73 29.84
C ARG C 67 22.20 -6.47 29.74
N LEU C 68 22.93 -6.29 28.64
CA LEU C 68 23.83 -5.15 28.50
C LEU C 68 23.08 -3.83 28.47
N LEU C 69 21.94 -3.79 27.77
CA LEU C 69 21.32 -2.52 27.37
C LEU C 69 20.37 -2.04 28.46
N LYS C 70 20.72 -0.95 29.14
CA LYS C 70 19.83 -0.26 30.07
C LYS C 70 19.65 1.18 29.61
N HIS C 71 18.45 1.52 29.15
CA HIS C 71 18.18 2.84 28.57
C HIS C 71 16.68 3.09 28.62
N PRO C 72 16.26 4.34 28.80
CA PRO C 72 14.81 4.63 28.87
C PRO C 72 14.03 4.26 27.62
N ASN C 73 14.67 4.13 26.45
CA ASN C 73 13.97 3.79 25.22
C ASN C 73 14.31 2.37 24.73
N ILE C 74 14.74 1.48 25.63
CA ILE C 74 15.03 0.09 25.30
C ILE C 74 14.35 -0.79 26.34
N VAL C 75 13.71 -1.87 25.90
CA VAL C 75 13.11 -2.83 26.83
C VAL C 75 14.18 -3.31 27.81
N ARG C 76 13.75 -3.67 29.01
CA ARG C 76 14.66 -3.84 30.13
C ARG C 76 14.57 -5.26 30.64
N LEU C 77 15.66 -6.01 30.50
CA LEU C 77 15.66 -7.43 30.82
C LEU C 77 15.69 -7.63 32.33
N HIS C 78 14.84 -8.52 32.82
CA HIS C 78 14.85 -8.86 34.23
C HIS C 78 15.44 -10.23 34.53
N ASP C 79 15.14 -11.24 33.72
CA ASP C 79 15.73 -12.56 33.94
C ASP C 79 15.77 -13.34 32.64
N SER C 80 16.60 -14.38 32.64
CA SER C 80 16.77 -15.33 31.54
C SER C 80 16.72 -16.72 32.13
N ILE C 81 15.83 -17.57 31.63
CA ILE C 81 15.59 -18.90 32.18
C ILE C 81 15.52 -19.91 31.04
N SER C 82 16.34 -20.95 31.14
CA SER C 82 16.43 -21.99 30.11
C SER C 82 15.73 -23.26 30.59
N GLU C 83 14.75 -23.72 29.83
CA GLU C 83 14.14 -25.03 30.05
C GLU C 83 14.35 -25.90 28.81
N GLU C 84 14.01 -27.19 28.94
CA GLU C 84 14.29 -28.12 27.85
C GLU C 84 13.62 -27.68 26.55
N GLY C 85 12.34 -27.30 26.62
CA GLY C 85 11.61 -27.06 25.38
C GLY C 85 11.38 -25.61 25.02
N PHE C 86 11.66 -24.69 25.95
CA PHE C 86 11.47 -23.26 25.75
C PHE C 86 12.57 -22.51 26.48
N HIS C 87 12.85 -21.30 26.02
CA HIS C 87 13.72 -20.36 26.73
C HIS C 87 12.93 -19.10 27.07
N TYR C 88 13.15 -18.58 28.27
CA TYR C 88 12.31 -17.52 28.80
C TYR C 88 13.14 -16.27 29.04
N LEU C 89 12.85 -15.20 28.29
CA LEU C 89 13.43 -13.87 28.51
C LEU C 89 12.36 -12.99 29.15
N VAL C 90 12.58 -12.62 30.41
CA VAL C 90 11.63 -11.86 31.21
C VAL C 90 12.06 -10.40 31.21
N PHE C 91 11.15 -9.51 30.83
CA PHE C 91 11.42 -8.07 30.73
C PHE C 91 10.42 -7.30 31.57
N ASP C 92 10.82 -6.10 32.02
CA ASP C 92 9.84 -5.16 32.55
C ASP C 92 8.68 -5.01 31.56
N LEU C 93 7.48 -4.90 32.10
CA LEU C 93 6.26 -4.87 31.30
C LEU C 93 5.97 -3.45 30.86
N VAL C 94 5.81 -3.24 29.55
CA VAL C 94 5.25 -2.00 29.02
C VAL C 94 3.88 -2.31 28.45
N THR C 95 2.92 -1.44 28.72
CA THR C 95 1.53 -1.75 28.39
C THR C 95 0.96 -0.82 27.33
N GLY C 96 1.80 -0.01 26.68
CA GLY C 96 1.30 0.89 25.66
C GLY C 96 1.12 0.28 24.29
N GLY C 97 1.60 -0.93 24.07
CA GLY C 97 1.39 -1.58 22.80
C GLY C 97 2.34 -1.07 21.74
N GLU C 98 2.10 -1.51 20.50
CA GLU C 98 3.00 -1.14 19.41
C GLU C 98 2.78 0.29 18.93
N LEU C 99 3.89 0.97 18.63
CA LEU C 99 3.88 2.38 18.21
C LEU C 99 2.89 2.64 17.09
N PHE C 100 3.01 1.93 15.97
CA PHE C 100 2.15 2.20 14.82
C PHE C 100 0.67 1.96 15.11
N GLU C 101 0.34 1.09 16.06
CA GLU C 101 -1.06 0.94 16.43
C GLU C 101 -1.54 2.16 17.22
N ASP C 102 -0.65 2.79 17.98
CA ASP C 102 -1.02 4.01 18.69
C ASP C 102 -1.23 5.17 17.73
N ILE C 103 -0.37 5.30 16.73
CA ILE C 103 -0.48 6.40 15.78
C ILE C 103 -1.82 6.38 15.05
N VAL C 104 -2.22 5.22 14.52
CA VAL C 104 -3.46 5.15 13.75
C VAL C 104 -4.70 5.36 14.61
N ALA C 105 -4.56 5.31 15.93
CA ALA C 105 -5.67 5.64 16.82
C ALA C 105 -5.72 7.11 17.20
N ARG C 106 -4.76 7.91 16.75
CA ARG C 106 -4.74 9.33 17.08
C ARG C 106 -5.66 10.09 16.14
N GLU C 107 -6.28 11.13 16.67
CA GLU C 107 -7.07 12.08 15.89
C GLU C 107 -6.26 13.29 15.49
N TYR C 108 -5.04 13.45 16.01
CA TYR C 108 -4.15 14.56 15.67
C TYR C 108 -2.74 14.01 15.58
N TYR C 109 -2.16 14.07 14.39
CA TYR C 109 -0.85 13.48 14.16
C TYR C 109 -0.14 14.36 13.13
N SER C 110 0.99 14.94 13.51
CA SER C 110 1.72 15.92 12.69
C SER C 110 3.18 15.52 12.58
N GLU C 111 3.91 16.25 11.72
CA GLU C 111 5.35 16.08 11.61
C GLU C 111 6.03 16.19 12.96
N ALA C 112 5.58 17.12 13.79
CA ALA C 112 6.18 17.29 15.10
C ALA C 112 6.06 16.01 15.93
N ASP C 113 4.96 15.28 15.76
CA ASP C 113 4.79 14.02 16.48
C ASP C 113 5.69 12.93 15.91
N ALA C 114 5.83 12.86 14.58
CA ALA C 114 6.74 11.88 13.99
C ALA C 114 8.18 12.16 14.39
N SER C 115 8.55 13.44 14.45
CA SER C 115 9.88 13.82 14.91
C SER C 115 10.12 13.35 16.34
N HIS C 116 9.12 13.51 17.22
CA HIS C 116 9.26 13.06 18.61
C HIS C 116 9.46 11.56 18.69
N CYS C 117 8.75 10.81 17.84
CA CYS C 117 8.91 9.36 17.80
C CYS C 117 10.30 8.97 17.31
N ILE C 118 10.75 9.58 16.20
CA ILE C 118 12.00 9.17 15.60
C ILE C 118 13.17 9.58 16.48
N GLN C 119 13.04 10.69 17.19
CA GLN C 119 14.04 11.11 18.15
C GLN C 119 14.27 10.04 19.21
N GLN C 120 13.18 9.49 19.75
CA GLN C 120 13.30 8.41 20.73
C GLN C 120 13.92 7.16 20.11
N ILE C 121 13.48 6.82 18.90
CA ILE C 121 14.09 5.68 18.21
C ILE C 121 15.59 5.90 18.02
N LEU C 122 15.97 7.09 17.56
CA LEU C 122 17.37 7.44 17.39
C LEU C 122 18.14 7.35 18.71
N GLU C 123 17.51 7.75 19.82
CA GLU C 123 18.18 7.61 21.11
C GLU C 123 18.43 6.14 21.44
N SER C 124 17.45 5.26 21.17
CA SER C 124 17.68 3.84 21.39
C SER C 124 18.76 3.30 20.45
N VAL C 125 18.72 3.70 19.17
CA VAL C 125 19.71 3.23 18.22
C VAL C 125 21.09 3.78 18.56
N ASN C 126 21.16 5.04 18.96
CA ASN C 126 22.44 5.61 19.35
C ASN C 126 23.03 4.87 20.52
N HIS C 127 22.19 4.54 21.51
CA HIS C 127 22.69 3.83 22.69
C HIS C 127 23.17 2.43 22.33
N CYS C 128 22.45 1.75 21.43
CA CYS C 128 22.92 0.43 21.00
C CYS C 128 24.31 0.51 20.38
N HIS C 129 24.49 1.44 19.43
CA HIS C 129 25.76 1.55 18.74
C HIS C 129 26.88 1.98 19.68
N LEU C 130 26.58 2.80 20.69
CA LEU C 130 27.60 3.14 21.68
C LEU C 130 28.06 1.92 22.47
N ASN C 131 27.20 0.91 22.59
CA ASN C 131 27.54 -0.30 23.31
C ASN C 131 27.94 -1.44 22.37
N GLY C 132 28.28 -1.11 21.13
CA GLY C 132 28.70 -2.11 20.17
C GLY C 132 27.62 -3.08 19.73
N ILE C 133 26.35 -2.65 19.73
CA ILE C 133 25.24 -3.53 19.37
C ILE C 133 24.61 -3.02 18.08
N VAL C 134 24.52 -3.89 17.09
CA VAL C 134 23.78 -3.60 15.86
C VAL C 134 22.51 -4.44 15.92
N HIS C 135 21.36 -3.76 15.89
CA HIS C 135 20.08 -4.43 16.07
C HIS C 135 19.77 -5.35 14.89
N ARG C 136 19.90 -4.81 13.67
CA ARG C 136 19.76 -5.46 12.38
C ARG C 136 18.30 -5.67 11.96
N ASP C 137 17.34 -5.51 12.87
CA ASP C 137 15.95 -5.79 12.51
C ASP C 137 15.03 -4.68 12.98
N LEU C 138 15.45 -3.43 12.78
CA LEU C 138 14.67 -2.28 13.19
C LEU C 138 13.47 -2.14 12.27
N LYS C 139 12.27 -2.16 12.84
CA LYS C 139 11.04 -2.17 12.06
C LYS C 139 9.90 -1.78 12.99
N PRO C 140 8.77 -1.33 12.42
CA PRO C 140 7.65 -0.90 13.27
C PRO C 140 7.27 -1.86 14.39
N GLU C 141 7.16 -3.17 14.09
CA GLU C 141 6.70 -4.16 15.07
C GLU C 141 7.64 -4.30 16.25
N ASN C 142 8.86 -3.82 16.13
CA ASN C 142 9.82 -3.92 17.22
C ASN C 142 9.88 -2.64 18.04
N LEU C 143 8.91 -1.75 17.85
CA LEU C 143 8.84 -0.48 18.58
C LEU C 143 7.59 -0.51 19.45
N LEU C 144 7.78 -0.52 20.76
CA LEU C 144 6.69 -0.57 21.72
C LEU C 144 6.57 0.77 22.44
N LEU C 145 5.51 0.90 23.23
CA LEU C 145 5.23 2.12 23.97
C LEU C 145 5.04 1.83 25.45
N ALA C 146 5.62 2.67 26.30
CA ALA C 146 5.15 2.71 27.66
C ALA C 146 3.74 3.29 27.68
N SER C 147 2.99 2.97 28.74
CA SER C 147 1.63 3.46 28.86
C SER C 147 1.58 4.99 28.86
N LYS C 148 0.48 5.52 28.34
CA LYS C 148 0.23 6.96 28.47
C LYS C 148 0.38 7.42 29.92
N SER C 149 -0.03 6.57 30.88
CA SER C 149 0.10 6.96 32.28
C SER C 149 1.55 7.08 32.68
N LYS C 150 2.45 6.33 32.04
CA LYS C 150 3.85 6.29 32.44
C LYS C 150 4.76 7.19 31.60
N GLY C 151 4.22 7.97 30.67
CA GLY C 151 5.00 8.87 29.82
C GLY C 151 4.98 8.58 28.33
N ALA C 152 4.48 7.40 27.90
CA ALA C 152 4.34 7.04 26.48
C ALA C 152 5.67 6.98 25.74
N ALA C 153 6.75 6.70 26.45
CA ALA C 153 8.07 6.59 25.81
C ALA C 153 8.16 5.39 24.87
N VAL C 154 8.84 5.59 23.73
CA VAL C 154 9.05 4.48 22.79
C VAL C 154 10.09 3.52 23.37
N LYS C 155 9.83 2.21 23.23
CA LYS C 155 10.74 1.16 23.68
C LYS C 155 11.19 0.32 22.49
N LEU C 156 12.49 0.30 22.20
CA LEU C 156 13.03 -0.60 21.19
C LEU C 156 13.10 -2.00 21.79
N ALA C 157 12.59 -3.00 21.05
CA ALA C 157 12.48 -4.36 21.56
C ALA C 157 13.07 -5.37 20.59
N ASP C 158 13.30 -6.57 21.15
CA ASP C 158 13.70 -7.80 20.47
C ASP C 158 15.08 -7.71 19.85
N PHE C 159 16.07 -8.26 20.55
CA PHE C 159 17.44 -8.30 20.06
C PHE C 159 17.82 -9.70 19.60
N GLY C 160 16.81 -10.47 19.18
CA GLY C 160 17.03 -11.83 18.69
C GLY C 160 17.87 -11.90 17.44
N LEU C 161 17.93 -10.82 16.66
CA LEU C 161 18.81 -10.76 15.50
C LEU C 161 20.03 -9.88 15.71
N ALA C 162 20.18 -9.27 16.88
CA ALA C 162 21.25 -8.31 17.09
C ALA C 162 22.61 -9.01 17.13
N ILE C 163 23.65 -8.24 16.80
CA ILE C 163 25.03 -8.74 16.81
C ILE C 163 25.91 -7.77 17.59
N GLU C 164 27.05 -8.29 18.06
CA GLU C 164 28.05 -7.51 18.78
C GLU C 164 29.21 -7.19 17.85
N VAL C 165 29.63 -5.93 17.85
CA VAL C 165 30.70 -5.45 16.97
C VAL C 165 31.72 -4.70 17.81
N GLN C 166 32.97 -4.74 17.35
CA GLN C 166 34.07 -4.01 17.97
C GLN C 166 34.24 -2.67 17.27
N GLY C 167 33.81 -1.59 17.92
CA GLY C 167 34.00 -0.27 17.36
C GLY C 167 33.31 -0.14 16.02
N ASP C 168 34.06 0.31 15.01
CA ASP C 168 33.54 0.42 13.65
C ASP C 168 33.94 -0.76 12.78
N GLN C 169 34.27 -1.90 13.38
CA GLN C 169 34.50 -3.10 12.60
C GLN C 169 33.26 -3.42 11.77
N GLN C 170 33.47 -3.80 10.52
CA GLN C 170 32.40 -4.20 9.64
C GLN C 170 32.78 -5.50 8.96
N ALA C 171 31.77 -6.31 8.66
CA ALA C 171 32.01 -7.64 8.15
C ALA C 171 30.73 -8.12 7.47
N TRP C 172 30.86 -9.20 6.70
CA TRP C 172 29.67 -9.85 6.20
C TRP C 172 29.12 -10.71 7.33
N PHE C 173 28.20 -10.16 8.09
CA PHE C 173 27.64 -10.84 9.24
C PHE C 173 26.46 -11.74 8.89
N GLY C 174 26.16 -11.90 7.60
CA GLY C 174 25.09 -12.78 7.17
C GLY C 174 23.83 -12.03 6.79
N PHE C 175 22.95 -12.75 6.11
CA PHE C 175 21.69 -12.19 5.66
C PHE C 175 20.66 -12.25 6.78
N ALA C 176 20.35 -11.10 7.39
CA ALA C 176 19.27 -11.03 8.38
C ALA C 176 18.52 -9.71 8.20
N GLY C 177 17.26 -9.72 8.62
CA GLY C 177 16.43 -8.53 8.58
C GLY C 177 15.10 -8.78 7.88
N THR C 178 14.27 -7.80 7.95
CA THR C 178 12.98 -7.90 7.26
C THR C 178 13.12 -7.28 5.87
N PRO C 179 12.68 -8.01 4.81
CA PRO C 179 12.93 -7.57 3.43
C PRO C 179 12.76 -6.08 3.12
N GLY C 180 11.62 -5.49 3.50
CA GLY C 180 11.37 -4.10 3.16
C GLY C 180 12.23 -3.09 3.90
N TYR C 181 12.98 -3.54 4.92
CA TYR C 181 13.87 -2.67 5.68
C TYR C 181 15.32 -2.98 5.44
N LEU C 182 15.62 -3.89 4.52
CA LEU C 182 17.01 -4.28 4.30
C LEU C 182 17.79 -3.16 3.62
N SER C 183 19.04 -3.01 4.02
CA SER C 183 19.91 -1.98 3.46
C SER C 183 20.57 -2.45 2.16
N PRO C 184 20.98 -1.52 1.30
CA PRO C 184 21.69 -1.92 0.07
C PRO C 184 22.93 -2.77 0.30
N GLU C 185 23.72 -2.49 1.34
CA GLU C 185 24.96 -3.24 1.53
C GLU C 185 24.69 -4.69 1.94
N VAL C 186 23.62 -4.95 2.69
CA VAL C 186 23.27 -6.33 3.00
C VAL C 186 22.84 -7.05 1.73
N LEU C 187 22.02 -6.39 0.91
CA LEU C 187 21.55 -7.02 -0.33
C LEU C 187 22.69 -7.20 -1.34
N ARG C 188 23.73 -6.37 -1.27
CA ARG C 188 24.93 -6.56 -2.09
C ARG C 188 25.86 -7.63 -1.52
N LYS C 189 25.58 -8.14 -0.32
CA LYS C 189 26.45 -9.08 0.38
C LYS C 189 27.79 -8.45 0.73
N ASP C 190 27.79 -7.13 0.91
CA ASP C 190 28.98 -6.40 1.33
C ASP C 190 29.16 -6.49 2.84
N PRO C 191 30.36 -6.19 3.35
CA PRO C 191 30.50 -6.02 4.79
C PRO C 191 29.66 -4.85 5.25
N TYR C 192 29.08 -5.00 6.45
CA TYR C 192 28.15 -4.00 6.95
C TYR C 192 28.34 -3.84 8.45
N GLY C 193 27.69 -2.82 9.00
CA GLY C 193 27.72 -2.60 10.43
C GLY C 193 26.60 -1.72 10.92
N LYS C 194 26.92 -0.81 11.83
CA LYS C 194 25.95 0.13 12.39
C LYS C 194 25.07 0.83 11.36
N PRO C 195 25.56 1.25 10.18
CA PRO C 195 24.68 1.98 9.25
C PRO C 195 23.44 1.22 8.80
N VAL C 196 23.40 -0.12 8.92
N VAL C 196 23.40 -0.12 8.90
CA VAL C 196 22.22 -0.86 8.50
CA VAL C 196 22.19 -0.84 8.47
C VAL C 196 21.00 -0.47 9.33
C VAL C 196 20.99 -0.43 9.32
N ASP C 197 21.20 -0.14 10.61
CA ASP C 197 20.10 0.32 11.45
C ASP C 197 19.65 1.72 11.06
N MET C 198 20.59 2.58 10.64
CA MET C 198 20.21 3.92 10.21
C MET C 198 19.43 3.89 8.90
N TRP C 199 19.76 2.97 7.98
CA TRP C 199 18.91 2.79 6.80
C TRP C 199 17.49 2.42 7.21
N ALA C 200 17.36 1.46 8.13
CA ALA C 200 16.04 1.05 8.60
C ALA C 200 15.31 2.21 9.24
N CYS C 201 16.03 3.04 10.00
CA CYS C 201 15.43 4.24 10.59
CA CYS C 201 15.41 4.22 10.59
C CYS C 201 14.83 5.14 9.51
N GLY C 202 15.53 5.27 8.38
CA GLY C 202 15.05 6.14 7.31
C GLY C 202 13.80 5.60 6.67
N VAL C 203 13.74 4.27 6.47
CA VAL C 203 12.50 3.66 5.99
C VAL C 203 11.37 3.92 6.97
N ILE C 204 11.66 3.74 8.26
CA ILE C 204 10.67 3.96 9.30
C ILE C 204 10.21 5.41 9.30
N LEU C 205 11.16 6.34 9.13
CA LEU C 205 10.79 7.75 9.11
C LEU C 205 9.88 8.07 7.92
N TYR C 206 10.23 7.55 6.73
CA TYR C 206 9.36 7.73 5.56
C TYR C 206 7.93 7.27 5.85
N ILE C 207 7.79 6.09 6.46
CA ILE C 207 6.46 5.57 6.75
C ILE C 207 5.75 6.47 7.75
N LEU C 208 6.45 6.94 8.79
CA LEU C 208 5.86 7.85 9.78
C LEU C 208 5.25 9.09 9.15
N LEU C 209 5.79 9.54 8.02
CA LEU C 209 5.33 10.79 7.44
C LEU C 209 4.13 10.63 6.49
N VAL C 210 4.08 9.55 5.71
CA VAL C 210 3.01 9.42 4.72
C VAL C 210 2.25 8.10 4.81
N GLY C 211 2.74 7.16 5.63
CA GLY C 211 1.97 5.96 5.92
C GLY C 211 2.09 4.83 4.92
N TYR C 212 3.04 4.88 4.01
CA TYR C 212 3.35 3.78 3.11
C TYR C 212 4.86 3.76 2.97
N PRO C 213 5.44 2.64 2.53
CA PRO C 213 6.90 2.52 2.57
C PRO C 213 7.57 3.07 1.33
N PRO C 214 8.85 3.42 1.43
CA PRO C 214 9.56 4.02 0.28
C PRO C 214 9.97 3.00 -0.76
N PHE C 215 10.07 1.73 -0.38
CA PHE C 215 10.45 0.67 -1.30
C PHE C 215 9.37 -0.39 -1.21
N TRP C 216 8.78 -0.73 -2.36
CA TRP C 216 7.68 -1.69 -2.38
C TRP C 216 7.53 -2.30 -3.76
N ASP C 217 7.30 -3.61 -3.78
CA ASP C 217 6.84 -4.34 -4.96
C ASP C 217 6.36 -5.69 -4.48
N GLU C 218 5.25 -6.17 -5.03
CA GLU C 218 4.77 -7.50 -4.64
C GLU C 218 5.78 -8.58 -5.03
N ASP C 219 6.59 -8.30 -6.03
CA ASP C 219 7.70 -9.14 -6.44
C ASP C 219 8.92 -8.79 -5.58
N GLN C 220 9.32 -9.70 -4.71
CA GLN C 220 10.43 -9.43 -3.80
C GLN C 220 11.73 -9.16 -4.55
N HIS C 221 11.90 -9.77 -5.71
CA HIS C 221 13.11 -9.52 -6.50
C HIS C 221 13.15 -8.07 -6.97
N ARG C 222 12.01 -7.55 -7.43
CA ARG C 222 11.95 -6.15 -7.82
C ARG C 222 12.10 -5.22 -6.62
N LEU C 223 11.64 -5.65 -5.44
CA LEU C 223 11.87 -4.87 -4.24
C LEU C 223 13.35 -4.70 -3.97
N TYR C 224 14.09 -5.81 -3.99
CA TYR C 224 15.53 -5.74 -3.76
C TYR C 224 16.22 -4.90 -4.83
N GLN C 225 15.71 -4.91 -6.07
CA GLN C 225 16.29 -4.06 -7.12
C GLN C 225 16.10 -2.58 -6.78
N GLN C 226 14.92 -2.22 -6.29
CA GLN C 226 14.66 -0.83 -5.96
C GLN C 226 15.50 -0.37 -4.78
N ILE C 227 15.65 -1.23 -3.77
CA ILE C 227 16.50 -0.89 -2.61
C ILE C 227 17.94 -0.69 -3.06
N LYS C 228 18.48 -1.65 -3.81
CA LYS C 228 19.88 -1.53 -4.24
C LYS C 228 20.08 -0.31 -5.12
N ALA C 229 19.04 0.10 -5.84
CA ALA C 229 19.05 1.35 -6.59
C ALA C 229 19.05 2.56 -5.68
N GLY C 230 18.57 2.40 -4.45
CA GLY C 230 18.23 3.55 -3.61
C GLY C 230 17.21 4.48 -4.23
N ALA C 231 16.33 3.96 -5.09
CA ALA C 231 15.40 4.81 -5.84
C ALA C 231 14.09 4.98 -5.07
N TYR C 232 14.08 5.95 -4.16
CA TYR C 232 12.90 6.39 -3.46
C TYR C 232 12.59 7.83 -3.91
N ASP C 233 11.33 8.23 -3.77
CA ASP C 233 10.97 9.59 -4.12
C ASP C 233 9.87 10.10 -3.18
N PHE C 234 9.52 11.37 -3.36
CA PHE C 234 8.51 12.09 -2.57
C PHE C 234 7.38 12.54 -3.49
N PRO C 235 6.42 11.67 -3.81
CA PRO C 235 5.41 12.03 -4.81
C PRO C 235 4.39 13.05 -4.32
N SER C 236 3.88 13.81 -5.25
CA SER C 236 2.75 14.68 -5.00
C SER C 236 1.45 13.88 -5.05
N PRO C 237 0.42 14.30 -4.32
CA PRO C 237 0.40 15.52 -3.50
C PRO C 237 0.86 15.40 -2.03
N GLU C 238 0.93 14.19 -1.46
CA GLU C 238 1.08 14.11 -0.02
C GLU C 238 2.43 14.67 0.45
N TRP C 239 3.50 14.50 -0.32
CA TRP C 239 4.78 15.02 0.12
C TRP C 239 4.92 16.52 -0.10
N ASP C 240 3.94 17.15 -0.78
CA ASP C 240 3.99 18.59 -1.03
C ASP C 240 3.88 19.39 0.26
N THR C 241 3.17 18.85 1.27
CA THR C 241 2.95 19.52 2.53
C THR C 241 3.97 19.15 3.61
N VAL C 242 4.95 18.30 3.28
CA VAL C 242 6.03 17.92 4.18
C VAL C 242 7.16 18.94 4.08
N THR C 243 7.68 19.36 5.22
CA THR C 243 8.77 20.34 5.24
C THR C 243 9.99 19.78 4.51
N PRO C 244 10.81 20.66 3.92
CA PRO C 244 12.05 20.18 3.29
C PRO C 244 13.05 19.60 4.26
N GLU C 245 13.06 20.06 5.52
CA GLU C 245 14.01 19.52 6.48
C GLU C 245 13.70 18.07 6.81
N ALA C 246 12.43 17.70 6.87
CA ALA C 246 12.09 16.29 7.08
C ALA C 246 12.55 15.44 5.90
N LYS C 247 12.33 15.95 4.68
CA LYS C 247 12.83 15.24 3.51
C LYS C 247 14.34 15.14 3.54
N ASP C 248 15.01 16.20 4.01
CA ASP C 248 16.46 16.20 4.06
C ASP C 248 16.99 15.13 5.00
N LEU C 249 16.32 14.92 6.14
CA LEU C 249 16.83 13.93 7.06
C LEU C 249 16.68 12.52 6.49
N ILE C 250 15.53 12.24 5.87
CA ILE C 250 15.34 10.97 5.16
C ILE C 250 16.45 10.76 4.14
N ASN C 251 16.72 11.80 3.34
CA ASN C 251 17.81 11.75 2.36
C ASN C 251 19.12 11.33 3.00
N LYS C 252 19.41 11.88 4.17
CA LYS C 252 20.68 11.59 4.83
C LYS C 252 20.74 10.15 5.33
N MET C 253 19.59 9.59 5.66
CA MET C 253 19.51 8.21 6.15
C MET C 253 19.43 7.19 5.04
N LEU C 254 18.85 7.54 3.89
CA LEU C 254 18.62 6.59 2.81
C LEU C 254 19.64 6.72 1.67
N THR C 255 20.85 7.18 1.96
CA THR C 255 21.90 7.14 0.97
C THR C 255 22.49 5.72 0.91
N ILE C 256 22.73 5.24 -0.31
CA ILE C 256 23.13 3.84 -0.48
C ILE C 256 24.57 3.58 -0.02
N ASN C 257 25.41 4.60 0.06
CA ASN C 257 26.79 4.41 0.50
C ASN C 257 26.85 4.51 2.01
N PRO C 258 27.01 3.40 2.75
CA PRO C 258 26.94 3.48 4.21
C PRO C 258 27.98 4.40 4.83
N ALA C 259 29.11 4.59 4.13
CA ALA C 259 30.11 5.52 4.63
C ALA C 259 29.60 6.96 4.63
N LYS C 260 28.66 7.28 3.74
CA LYS C 260 28.10 8.63 3.67
C LYS C 260 26.78 8.77 4.42
N ARG C 261 26.28 7.70 5.00
CA ARG C 261 25.00 7.72 5.69
C ARG C 261 25.15 8.39 7.06
N ILE C 262 24.16 9.21 7.43
CA ILE C 262 24.21 9.90 8.72
C ILE C 262 24.17 8.86 9.85
N THR C 263 24.88 9.15 10.96
CA THR C 263 24.84 8.27 12.13
C THR C 263 23.72 8.71 13.06
N ALA C 264 23.38 7.82 14.01
CA ALA C 264 22.33 8.15 14.98
C ALA C 264 22.69 9.41 15.76
N SER C 265 23.94 9.51 16.21
CA SER C 265 24.36 10.69 16.97
C SER C 265 24.22 11.95 16.13
N GLU C 266 24.59 11.88 14.85
CA GLU C 266 24.46 13.05 13.99
C GLU C 266 23.01 13.35 13.68
N ALA C 267 22.15 12.32 13.61
CA ALA C 267 20.76 12.58 13.28
C ALA C 267 20.04 13.25 14.45
N LEU C 268 20.48 12.98 15.68
CA LEU C 268 19.90 13.64 16.84
C LEU C 268 20.17 15.15 16.85
N LYS C 269 21.16 15.60 16.09
CA LYS C 269 21.44 17.03 15.93
C LYS C 269 20.80 17.63 14.69
N HIS C 270 19.99 16.87 13.96
CA HIS C 270 19.36 17.43 12.77
C HIS C 270 18.29 18.42 13.22
N PRO C 271 18.13 19.55 12.50
CA PRO C 271 17.18 20.59 12.95
C PRO C 271 15.75 20.10 13.08
N TRP C 272 15.32 19.20 12.21
CA TRP C 272 13.97 18.68 12.30
C TRP C 272 13.77 17.86 13.57
N ILE C 273 14.86 17.33 14.14
CA ILE C 273 14.81 16.57 15.39
C ILE C 273 15.00 17.47 16.60
N CYS C 274 16.06 18.29 16.62
CA CYS C 274 16.41 19.03 17.83
C CYS C 274 15.83 20.44 17.87
N GLN C 275 15.13 20.87 16.82
CA GLN C 275 14.43 22.15 16.77
C GLN C 275 13.00 21.93 16.31
N ARG C 276 12.44 20.81 16.75
CA ARG C 276 11.11 20.37 16.33
C ARG C 276 10.06 21.50 16.39
N SER C 277 10.06 22.28 17.47
CA SER C 277 8.99 23.27 17.64
C SER C 277 8.99 24.31 16.52
N THR C 278 10.17 24.68 16.02
CA THR C 278 10.26 25.72 15.00
C THR C 278 10.53 25.20 13.60
N VAL C 279 10.75 23.89 13.43
CA VAL C 279 11.09 23.35 12.12
C VAL C 279 10.04 22.37 11.62
N ALA C 280 9.51 21.51 12.47
CA ALA C 280 8.54 20.53 12.04
C ALA C 280 7.18 21.19 11.87
N SER C 281 6.45 20.78 10.83
CA SER C 281 5.08 21.25 10.67
C SER C 281 4.19 20.70 11.78
N MET C 282 3.16 21.47 12.14
CA MET C 282 2.16 21.09 13.13
C MET C 282 0.82 20.70 12.49
N MET C 283 0.81 20.58 11.16
CA MET C 283 -0.38 20.23 10.41
C MET C 283 -0.77 18.77 10.64
N HIS C 284 -2.04 18.54 10.96
CA HIS C 284 -2.56 17.18 11.01
C HIS C 284 -2.48 16.54 9.64
N ARG C 285 -2.04 15.28 9.61
CA ARG C 285 -1.83 14.55 8.36
C ARG C 285 -2.79 13.37 8.30
N GLN C 286 -4.06 13.65 7.99
CA GLN C 286 -5.08 12.61 8.06
C GLN C 286 -4.85 11.50 7.03
N GLU C 287 -4.32 11.82 5.85
CA GLU C 287 -4.03 10.77 4.87
C GLU C 287 -2.97 9.79 5.38
N THR C 288 -2.03 10.27 6.17
CA THR C 288 -1.01 9.39 6.73
C THR C 288 -1.62 8.35 7.67
N VAL C 289 -2.44 8.82 8.62
CA VAL C 289 -3.24 7.92 9.45
C VAL C 289 -4.01 6.93 8.57
N ASP C 290 -4.74 7.44 7.58
CA ASP C 290 -5.51 6.59 6.67
C ASP C 290 -4.64 5.49 6.05
N CYS C 291 -3.53 5.90 5.43
CA CYS C 291 -2.62 4.95 4.79
C CYS C 291 -1.99 3.99 5.80
N LEU C 292 -1.62 4.52 6.97
CA LEU C 292 -1.00 3.67 7.99
C LEU C 292 -1.95 2.58 8.45
N LYS C 293 -3.24 2.89 8.56
CA LYS C 293 -4.21 1.85 8.93
C LYS C 293 -4.18 0.69 7.94
N LYS C 294 -4.13 1.01 6.65
CA LYS C 294 -4.00 -0.05 5.63
C LYS C 294 -2.65 -0.74 5.73
N PHE C 295 -1.59 0.04 5.95
CA PHE C 295 -0.24 -0.52 6.07
C PHE C 295 -0.16 -1.54 7.20
N ASN C 296 -0.62 -1.16 8.40
CA ASN C 296 -0.72 -2.09 9.51
C ASN C 296 -1.50 -3.33 9.15
N ALA C 297 -2.62 -3.16 8.44
CA ALA C 297 -3.53 -4.27 8.18
C ALA C 297 -2.93 -5.27 7.20
N ARG C 298 -2.31 -4.78 6.12
CA ARG C 298 -1.73 -5.68 5.13
C ARG C 298 -0.58 -6.49 5.73
N ARG C 299 0.13 -5.92 6.70
CA ARG C 299 1.24 -6.63 7.30
C ARG C 299 0.80 -7.68 8.32
N LYS C 300 -0.38 -7.53 8.93
CA LYS C 300 -0.93 -8.59 9.77
C LYS C 300 -1.31 -9.83 8.96
N LEU C 301 -1.36 -9.72 7.63
CA LEU C 301 -1.75 -10.82 6.76
C LEU C 301 -0.53 -11.49 6.13
N ARG D 10 -34.45 19.29 5.34
CA ARG D 10 -35.19 19.13 6.60
C ARG D 10 -36.32 20.15 6.70
N PHE D 11 -35.97 21.43 6.56
CA THR D 12 -36.98 22.48 6.61
C THR D 12 -38.11 22.21 5.62
N ASP D 13 -37.76 21.75 4.41
CA ASP D 13 -38.74 21.58 3.35
C ASP D 13 -39.58 20.31 3.50
N GLU D 14 -39.14 19.34 4.30
CA GLU D 14 -39.79 18.04 4.35
C GLU D 14 -40.30 17.62 5.72
N TYR D 15 -40.03 18.37 6.79
CA TYR D 15 -40.38 17.94 8.13
C TYR D 15 -40.99 19.08 8.93
N GLN D 16 -41.98 18.74 9.76
CA GLN D 16 -42.48 19.64 10.79
C GLN D 16 -41.92 19.19 12.14
N LEU D 17 -41.50 20.17 12.94
CA LEU D 17 -40.95 19.88 14.26
C LEU D 17 -42.01 19.94 15.34
N PHE D 18 -41.96 18.97 16.27
CA PHE D 18 -42.83 19.01 17.45
C PHE D 18 -42.00 19.03 18.73
N GLU D 19 -42.51 18.41 19.79
CA GLU D 19 -41.94 18.62 21.11
C GLU D 19 -40.55 17.99 21.24
N GLU D 20 -39.75 18.61 22.11
CA GLU D 20 -38.45 18.05 22.47
C GLU D 20 -38.63 16.77 23.28
N LEU D 21 -37.91 15.72 22.91
CA LEU D 21 -37.98 14.45 23.62
C LEU D 21 -36.89 14.32 24.69
N GLY D 22 -35.70 14.85 24.40
CA GLY D 22 -34.62 14.82 25.37
C GLY D 22 -33.50 15.72 24.93
N LYS D 23 -32.52 15.86 25.80
CA LYS D 23 -31.35 16.68 25.55
C LYS D 23 -30.10 15.81 25.63
N GLY D 24 -29.14 16.09 24.75
CA GLY D 24 -27.79 15.59 24.88
C GLY D 24 -26.85 16.72 25.28
N ALA D 25 -25.58 16.35 25.44
CA ALA D 25 -24.56 17.34 25.80
C ALA D 25 -24.45 18.43 24.72
N PHE D 26 -24.54 18.04 23.44
CA PHE D 26 -24.37 18.97 22.34
C PHE D 26 -25.55 18.98 21.37
N SER D 27 -26.71 18.48 21.80
CA SER D 27 -27.82 18.34 20.87
C SER D 27 -29.13 18.29 21.62
N VAL D 28 -30.22 18.47 20.87
CA VAL D 28 -31.57 18.17 21.32
C VAL D 28 -32.18 17.16 20.36
N VAL D 29 -33.11 16.36 20.88
CA VAL D 29 -33.87 15.41 20.09
C VAL D 29 -35.33 15.84 20.15
N ARG D 30 -35.97 15.90 18.99
CA ARG D 30 -37.36 16.35 18.92
C ARG D 30 -38.16 15.41 18.03
N ARG D 31 -39.41 15.18 18.41
CA ARG D 31 -40.32 14.48 17.51
C ARG D 31 -40.53 15.30 16.25
N CYS D 32 -40.75 14.62 15.13
CA CYS D 32 -41.03 15.31 13.88
C CYS D 32 -41.80 14.37 12.97
N MET D 33 -42.32 14.95 11.89
CA MET D 33 -43.11 14.19 10.93
C MET D 33 -42.66 14.52 9.52
N LYS D 34 -42.52 13.49 8.69
CA LYS D 34 -42.26 13.68 7.27
C LYS D 34 -43.51 14.26 6.63
N ILE D 35 -43.37 15.41 5.98
CA ILE D 35 -44.51 16.06 5.33
C ILE D 35 -44.98 15.27 4.11
N PRO D 36 -44.09 14.84 3.20
CA PRO D 36 -44.57 14.11 2.02
C PRO D 36 -45.19 12.75 2.32
N THR D 37 -44.97 12.16 3.50
CA THR D 37 -45.54 10.85 3.80
C THR D 37 -46.27 10.76 5.13
N GLY D 38 -46.24 11.80 5.97
CA GLY D 38 -46.92 11.77 7.25
C GLY D 38 -46.35 10.84 8.29
N GLN D 39 -45.22 10.17 8.02
CA GLN D 39 -44.64 9.23 8.97
C GLN D 39 -43.80 9.97 10.02
N GLU D 40 -43.92 9.54 11.27
CA GLU D 40 -43.26 10.21 12.39
C GLU D 40 -41.84 9.73 12.58
N TYR D 41 -40.99 10.63 13.08
CA TYR D 41 -39.57 10.39 13.29
C TYR D 41 -39.11 11.12 14.54
N ALA D 42 -37.87 10.83 14.94
CA ALA D 42 -37.17 11.55 15.99
C ALA D 42 -35.89 12.11 15.40
N ALA D 43 -35.70 13.42 15.52
CA ALA D 43 -34.56 14.11 14.91
C ALA D 43 -33.58 14.55 15.99
N LYS D 44 -32.35 14.07 15.89
CA LYS D 44 -31.24 14.64 16.65
C LYS D 44 -30.74 15.88 15.91
N ILE D 45 -30.75 17.03 16.58
CA ILE D 45 -30.46 18.31 15.94
C ILE D 45 -29.22 18.90 16.59
N ILE D 46 -28.23 19.26 15.77
CA ILE D 46 -26.94 19.75 16.24
C ILE D 46 -26.72 21.14 15.68
N ASN D 47 -26.42 22.09 16.55
CA ASN D 47 -26.11 23.47 16.14
C ASN D 47 -24.66 23.50 15.65
N THR D 48 -24.48 23.43 14.34
CA THR D 48 -23.14 23.31 13.78
C THR D 48 -22.38 24.63 13.79
N LYS D 49 -23.05 25.75 14.07
CA LYS D 49 -22.36 27.03 14.19
C LYS D 49 -21.46 27.10 15.43
N LYS D 50 -21.60 26.14 16.35
CA LYS D 50 -20.83 26.14 17.58
C LYS D 50 -19.95 24.90 17.70
N LEU D 51 -19.62 24.26 16.59
CA LEU D 51 -18.82 23.05 16.61
C LEU D 51 -17.43 23.31 16.04
N SER D 52 -16.43 22.70 16.69
CA SER D 52 -15.08 22.69 16.17
C SER D 52 -14.99 21.79 14.95
N ALA D 53 -13.84 21.87 14.27
CA ALA D 53 -13.56 20.91 13.21
C ALA D 53 -13.58 19.49 13.76
N ARG D 54 -13.13 19.30 15.01
CA ARG D 54 -13.13 17.96 15.60
C ARG D 54 -14.55 17.46 15.87
N ASP D 55 -15.41 18.31 16.42
CA ASP D 55 -16.80 17.91 16.64
C ASP D 55 -17.54 17.71 15.33
N HIS D 56 -17.21 18.49 14.30
CA HIS D 56 -17.85 18.32 12.99
C HIS D 56 -17.38 17.05 12.30
N GLN D 57 -16.10 16.69 12.47
CA GLN D 57 -15.65 15.40 11.96
C GLN D 57 -16.27 14.26 12.75
N LYS D 58 -16.44 14.43 14.06
CA LYS D 58 -17.11 13.41 14.84
C LYS D 58 -18.57 13.27 14.43
N LEU D 59 -19.18 14.35 13.93
CA LEU D 59 -20.57 14.29 13.50
C LEU D 59 -20.72 13.48 12.23
N GLU D 60 -19.79 13.63 11.28
CA GLU D 60 -19.86 12.84 10.06
C GLU D 60 -19.59 11.37 10.36
N ARG D 61 -18.70 11.09 11.31
CA ARG D 61 -18.49 9.72 11.76
C ARG D 61 -19.76 9.15 12.39
N GLU D 62 -20.42 9.92 13.25
CA GLU D 62 -21.63 9.43 13.87
C GLU D 62 -22.69 9.10 12.82
N ALA D 63 -22.80 9.92 11.78
CA ALA D 63 -23.77 9.63 10.73
C ALA D 63 -23.42 8.34 9.99
N ARG D 64 -22.14 8.16 9.66
CA ARG D 64 -21.71 6.94 8.97
C ARG D 64 -21.95 5.70 9.84
N ILE D 65 -21.69 5.81 11.14
CA ILE D 65 -21.90 4.66 12.02
C ILE D 65 -23.38 4.34 12.13
N CYS D 66 -24.23 5.36 12.19
CA CYS D 66 -25.65 5.08 12.36
C CYS D 66 -26.25 4.49 11.09
N ARG D 67 -25.77 4.94 9.92
CA ARG D 67 -26.18 4.31 8.66
C ARG D 67 -25.87 2.83 8.67
N LEU D 68 -24.67 2.45 9.14
CA LEU D 68 -24.25 1.07 9.03
C LEU D 68 -25.15 0.13 9.83
N LEU D 69 -25.59 0.55 11.01
CA LEU D 69 -26.15 -0.38 11.99
C LEU D 69 -27.66 -0.51 11.80
N LYS D 70 -28.07 -1.66 11.27
CA LYS D 70 -29.47 -2.03 11.11
C LYS D 70 -29.73 -3.27 11.95
N HIS D 71 -30.42 -3.10 13.07
CA HIS D 71 -30.64 -4.22 13.96
C HIS D 71 -31.87 -3.91 14.80
N PRO D 72 -32.68 -4.92 15.15
CA PRO D 72 -33.91 -4.65 15.91
C PRO D 72 -33.69 -4.02 17.28
N ASN D 73 -32.48 -4.04 17.84
CA ASN D 73 -32.22 -3.44 19.14
C ASN D 73 -31.30 -2.23 19.05
N ILE D 74 -31.25 -1.59 17.89
CA ILE D 74 -30.50 -0.36 17.71
C ILE D 74 -31.38 0.62 16.94
N VAL D 75 -31.40 1.89 17.39
CA VAL D 75 -32.14 2.91 16.67
C VAL D 75 -31.71 2.94 15.21
N ARG D 76 -32.67 3.16 14.32
CA ARG D 76 -32.47 3.07 12.89
C ARG D 76 -32.45 4.47 12.28
N LEU D 77 -31.38 4.78 11.57
CA LEU D 77 -31.26 6.08 10.93
C LEU D 77 -32.15 6.11 9.69
N HIS D 78 -32.91 7.19 9.55
CA HIS D 78 -33.70 7.46 8.36
C HIS D 78 -32.96 8.39 7.40
N ASP D 79 -32.30 9.41 7.91
CA ASP D 79 -31.63 10.36 7.04
C ASP D 79 -30.61 11.17 7.83
N SER D 80 -29.62 11.70 7.10
CA SER D 80 -28.64 12.63 7.63
C SER D 80 -28.66 13.87 6.74
N ILE D 81 -29.09 15.00 7.29
CA ILE D 81 -29.30 16.21 6.51
C ILE D 81 -28.48 17.34 7.11
N SER D 82 -27.55 17.87 6.32
CA SER D 82 -26.79 19.05 6.69
C SER D 82 -27.43 20.29 6.09
N GLU D 83 -27.68 21.29 6.93
CA GLU D 83 -28.15 22.59 6.48
C GLU D 83 -27.18 23.67 6.93
N GLU D 84 -27.52 24.90 6.59
CA GLU D 84 -26.76 26.05 7.10
C GLU D 84 -26.99 26.16 8.60
N GLY D 85 -25.94 25.95 9.38
CA GLY D 85 -26.00 26.13 10.82
C GLY D 85 -26.54 24.97 11.62
N PHE D 86 -27.25 24.02 10.98
CA PHE D 86 -27.86 22.91 11.71
C PHE D 86 -27.73 21.61 10.93
N HIS D 87 -27.41 20.53 11.65
CA HIS D 87 -27.41 19.19 11.10
C HIS D 87 -28.47 18.35 11.80
N TYR D 88 -29.14 17.51 11.03
CA TYR D 88 -30.28 16.74 11.48
C TYR D 88 -30.02 15.26 11.24
N LEU D 89 -30.02 14.47 12.32
CA LEU D 89 -29.96 13.02 12.23
C LEU D 89 -31.34 12.49 12.57
N VAL D 90 -32.01 11.93 11.58
CA VAL D 90 -33.42 11.57 11.67
C VAL D 90 -33.54 10.05 11.83
N PHE D 91 -34.14 9.63 12.93
CA PHE D 91 -34.24 8.21 13.27
C PHE D 91 -35.69 7.80 13.30
N ASP D 92 -35.94 6.51 13.09
CA ASP D 92 -37.25 5.95 13.36
C ASP D 92 -37.64 6.28 14.80
N LEU D 93 -38.90 6.64 15.01
CA LEU D 93 -39.34 7.06 16.32
C LEU D 93 -39.71 5.85 17.16
N VAL D 94 -39.22 5.83 18.40
CA VAL D 94 -39.62 4.85 19.41
C VAL D 94 -40.25 5.62 20.55
N THR D 95 -41.30 5.06 21.14
CA THR D 95 -42.17 5.85 22.01
C THR D 95 -42.17 5.40 23.46
N GLY D 96 -41.31 4.45 23.84
CA GLY D 96 -41.35 3.92 25.19
C GLY D 96 -40.53 4.66 26.23
N GLY D 97 -39.67 5.59 25.83
CA GLY D 97 -38.89 6.31 26.82
C GLY D 97 -37.66 5.53 27.26
N GLU D 98 -37.08 5.96 28.38
CA GLU D 98 -35.91 5.29 28.92
C GLU D 98 -36.30 3.99 29.61
N LEU D 99 -35.50 2.95 29.40
CA LEU D 99 -35.80 1.65 29.97
C LEU D 99 -35.90 1.72 31.49
N PHE D 100 -34.97 2.44 32.13
CA PHE D 100 -34.97 2.46 33.61
C PHE D 100 -36.18 3.19 34.19
N GLU D 101 -36.71 4.19 33.47
CA GLU D 101 -37.93 4.84 33.92
C GLU D 101 -39.16 3.95 33.73
N ASP D 102 -39.10 3.02 32.78
CA ASP D 102 -40.21 2.09 32.61
C ASP D 102 -40.22 1.02 33.70
N ILE D 103 -39.04 0.55 34.12
CA ILE D 103 -38.99 -0.57 35.06
C ILE D 103 -39.58 -0.16 36.41
N VAL D 104 -39.28 1.05 36.89
CA VAL D 104 -39.78 1.49 38.18
C VAL D 104 -41.29 1.61 38.22
N ALA D 105 -41.96 1.56 37.08
CA ALA D 105 -43.41 1.66 37.03
C ALA D 105 -44.09 0.31 36.84
N ARG D 106 -43.33 -0.78 36.88
CA ARG D 106 -43.87 -2.12 36.68
C ARG D 106 -44.31 -2.74 38.01
N GLU D 107 -45.37 -3.55 37.94
CA GLU D 107 -45.82 -4.26 39.14
C GLU D 107 -45.07 -5.57 39.36
N TYR D 108 -44.53 -6.18 38.31
CA TYR D 108 -43.83 -7.44 38.40
C TYR D 108 -42.47 -7.30 37.70
N TYR D 109 -41.39 -7.40 38.47
CA TYR D 109 -40.04 -7.27 37.92
C TYR D 109 -39.10 -8.24 38.60
N SER D 110 -38.54 -9.16 37.82
CA SER D 110 -37.76 -10.29 38.32
C SER D 110 -36.44 -10.40 37.57
N GLU D 111 -35.58 -11.31 38.05
CA GLU D 111 -34.36 -11.67 37.32
C GLU D 111 -34.66 -12.01 35.86
N ALA D 112 -35.72 -12.79 35.62
CA ALA D 112 -36.10 -13.10 34.24
C ALA D 112 -36.37 -11.84 33.43
N ASP D 113 -36.90 -10.80 34.09
CA ASP D 113 -37.13 -9.54 33.39
C ASP D 113 -35.82 -8.84 33.12
N ALA D 114 -34.94 -8.78 34.13
CA ALA D 114 -33.61 -8.23 33.93
C ALA D 114 -32.85 -9.02 32.87
N SER D 115 -33.01 -10.34 32.85
CA SER D 115 -32.26 -11.14 31.90
C SER D 115 -32.72 -10.85 30.48
N HIS D 116 -34.03 -10.70 30.27
CA HIS D 116 -34.52 -10.35 28.96
C HIS D 116 -33.99 -9.00 28.50
N CYS D 117 -33.95 -8.02 29.39
CA CYS D 117 -33.43 -6.70 29.03
C CYS D 117 -31.97 -6.80 28.59
N ILE D 118 -31.15 -7.47 29.39
CA ILE D 118 -29.71 -7.58 29.10
C ILE D 118 -29.48 -8.35 27.80
N GLN D 119 -30.30 -9.39 27.55
CA GLN D 119 -30.17 -10.13 26.29
C GLN D 119 -30.28 -9.19 25.09
N GLN D 120 -31.33 -8.37 25.05
CA GLN D 120 -31.49 -7.43 23.95
C GLN D 120 -30.33 -6.44 23.91
N ILE D 121 -29.94 -5.91 25.06
CA ILE D 121 -28.76 -5.04 25.13
C ILE D 121 -27.57 -5.77 24.52
N LEU D 122 -27.33 -7.02 24.97
CA LEU D 122 -26.18 -7.77 24.47
C LEU D 122 -26.27 -8.05 22.98
N GLU D 123 -27.48 -8.23 22.44
CA GLU D 123 -27.57 -8.38 21.00
C GLU D 123 -27.18 -7.08 20.30
N SER D 124 -27.54 -5.93 20.87
CA SER D 124 -27.15 -4.67 20.26
C SER D 124 -25.64 -4.47 20.31
N VAL D 125 -25.01 -4.84 21.43
CA VAL D 125 -23.57 -4.67 21.57
C VAL D 125 -22.83 -5.63 20.66
N ASN D 126 -23.25 -6.90 20.64
CA ASN D 126 -22.63 -7.87 19.73
C ASN D 126 -22.70 -7.37 18.30
N HIS D 127 -23.88 -6.92 17.86
CA HIS D 127 -24.03 -6.43 16.50
C HIS D 127 -23.07 -5.27 16.21
N CYS D 128 -22.95 -4.34 17.17
CA CYS D 128 -21.94 -3.29 17.02
C CYS D 128 -20.57 -3.90 16.79
N HIS D 129 -20.16 -4.76 17.72
CA HIS D 129 -18.82 -5.33 17.69
C HIS D 129 -18.57 -6.13 16.41
N LEU D 130 -19.57 -6.88 15.94
CA LEU D 130 -19.39 -7.61 14.69
C LEU D 130 -19.24 -6.67 13.50
N ASN D 131 -19.64 -5.41 13.63
CA ASN D 131 -19.48 -4.45 12.57
C ASN D 131 -18.35 -3.48 12.84
N GLY D 132 -17.47 -3.80 13.79
CA GLY D 132 -16.30 -2.96 14.02
C GLY D 132 -16.60 -1.64 14.70
N ILE D 133 -17.67 -1.59 15.48
CA ILE D 133 -18.12 -0.39 16.18
C ILE D 133 -18.03 -0.63 17.67
N VAL D 134 -17.33 0.26 18.36
CA VAL D 134 -17.33 0.31 19.83
C VAL D 134 -18.11 1.54 20.24
N HIS D 135 -19.12 1.34 21.08
CA HIS D 135 -20.05 2.43 21.41
C HIS D 135 -19.42 3.45 22.35
N ARG D 136 -18.76 2.95 23.40
CA ARG D 136 -17.98 3.65 24.42
C ARG D 136 -18.82 4.39 25.44
N ASP D 137 -20.15 4.42 25.32
CA ASP D 137 -20.98 5.16 26.27
C ASP D 137 -22.22 4.35 26.62
N LEU D 138 -22.07 3.05 26.87
CA LEU D 138 -23.23 2.27 27.29
C LEU D 138 -23.67 2.71 28.68
N LYS D 139 -24.87 3.25 28.79
CA LYS D 139 -25.40 3.71 30.06
C LYS D 139 -26.92 3.71 29.97
N PRO D 140 -27.62 3.74 31.11
CA PRO D 140 -29.09 3.63 31.06
C PRO D 140 -29.75 4.70 30.21
N GLU D 141 -29.19 5.90 30.20
CA GLU D 141 -29.78 7.01 29.44
C GLU D 141 -29.88 6.70 27.95
N ASN D 142 -29.05 5.82 27.42
CA ASN D 142 -29.00 5.51 26.00
C ASN D 142 -29.76 4.23 25.66
N LEU D 143 -30.55 3.71 26.59
CA LEU D 143 -31.39 2.53 26.37
C LEU D 143 -32.84 2.97 26.36
N LEU D 144 -33.46 2.97 25.18
CA LEU D 144 -34.87 3.32 25.01
C LEU D 144 -35.69 2.05 24.80
N LEU D 145 -37.01 2.20 24.95
CA LEU D 145 -37.95 1.13 24.65
C LEU D 145 -38.75 1.46 23.39
N ALA D 146 -38.94 0.45 22.53
CA ALA D 146 -39.54 0.70 21.22
C ALA D 146 -40.94 1.32 21.32
N SER D 147 -41.67 1.07 22.41
CA SER D 147 -42.99 1.64 22.62
C SER D 147 -43.40 1.39 24.07
N LYS D 148 -44.60 1.85 24.42
CA LYS D 148 -45.12 1.65 25.76
C LYS D 148 -45.82 0.30 25.93
N SER D 149 -45.78 -0.56 24.92
CA SER D 149 -46.39 -1.88 25.02
C SER D 149 -45.56 -2.79 25.93
N LYS D 150 -46.16 -3.91 26.34
CA LYS D 150 -45.54 -4.72 27.39
C LYS D 150 -44.37 -5.55 26.88
N GLY D 151 -44.42 -6.00 25.64
CA GLY D 151 -43.28 -6.72 25.12
C GLY D 151 -42.24 -5.87 24.40
N ALA D 152 -42.30 -4.55 24.54
CA ALA D 152 -41.55 -3.66 23.66
C ALA D 152 -40.04 -3.86 23.80
N ALA D 153 -39.33 -3.73 22.69
CA ALA D 153 -37.91 -4.02 22.63
C ALA D 153 -37.07 -2.86 23.16
N VAL D 154 -35.94 -3.22 23.77
CA VAL D 154 -34.90 -2.25 24.10
C VAL D 154 -34.16 -1.86 22.82
N LYS D 155 -33.80 -0.58 22.71
CA LYS D 155 -33.06 -0.06 21.56
C LYS D 155 -31.88 0.76 22.05
N LEU D 156 -30.68 0.37 21.64
CA LEU D 156 -29.47 1.15 21.92
C LEU D 156 -29.49 2.43 21.08
N ALA D 157 -29.25 3.57 21.73
CA ALA D 157 -29.30 4.87 21.06
C ALA D 157 -28.00 5.64 21.26
N ASP D 158 -27.87 6.72 20.48
CA ASP D 158 -26.84 7.74 20.61
C ASP D 158 -25.43 7.20 20.41
N PHE D 159 -24.95 7.23 19.17
CA PHE D 159 -23.60 6.83 18.80
C PHE D 159 -22.66 8.01 18.64
N GLY D 160 -22.91 9.10 19.39
CA GLY D 160 -22.05 10.27 19.30
C GLY D 160 -20.62 10.02 19.74
N LEU D 161 -20.40 9.08 20.64
CA LEU D 161 -19.07 8.78 21.11
C LEU D 161 -18.50 7.50 20.53
N ALA D 162 -19.24 6.85 19.64
CA ALA D 162 -18.80 5.57 19.09
C ALA D 162 -17.63 5.76 18.16
N ILE D 163 -16.83 4.69 18.03
CA ILE D 163 -15.64 4.70 17.19
C ILE D 163 -15.65 3.46 16.32
N GLU D 164 -14.86 3.52 15.25
CA GLU D 164 -14.68 2.43 14.32
C GLU D 164 -13.32 1.79 14.59
N VAL D 165 -13.32 0.49 14.85
CA VAL D 165 -12.10 -0.24 15.15
C VAL D 165 -11.77 -1.18 14.01
N GLN D 166 -10.50 -1.60 13.95
CA GLN D 166 -9.99 -2.52 12.93
C GLN D 166 -10.00 -3.93 13.51
N GLY D 167 -11.13 -4.62 13.36
CA GLY D 167 -11.24 -5.94 13.96
C GLY D 167 -11.07 -5.85 15.45
N ASP D 168 -10.29 -6.77 16.02
CA ASP D 168 -10.07 -6.79 17.46
C ASP D 168 -8.78 -6.08 17.86
N GLN D 169 -8.29 -5.20 17.01
CA GLN D 169 -7.12 -4.40 17.36
C GLN D 169 -7.49 -3.36 18.40
N GLN D 170 -6.75 -3.34 19.50
CA GLN D 170 -7.00 -2.39 20.58
C GLN D 170 -5.94 -1.29 20.54
N ALA D 171 -6.32 -0.10 21.03
CA ALA D 171 -5.47 1.06 20.98
C ALA D 171 -6.02 2.12 21.92
N TRP D 172 -5.20 3.13 22.22
CA TRP D 172 -5.65 4.24 23.07
C TRP D 172 -6.42 5.24 22.21
N PHE D 173 -7.75 5.25 22.35
CA PHE D 173 -8.61 6.12 21.57
C PHE D 173 -9.07 7.34 22.36
N GLY D 174 -8.41 7.67 23.47
CA GLY D 174 -8.78 8.83 24.27
C GLY D 174 -9.81 8.52 25.34
N PHE D 175 -9.94 9.45 26.28
CA PHE D 175 -11.00 9.36 27.28
C PHE D 175 -12.35 9.71 26.66
N ALA D 176 -13.35 8.87 26.91
CA ALA D 176 -14.73 9.20 26.58
C ALA D 176 -15.61 8.27 27.40
N GLY D 177 -16.81 8.73 27.68
CA GLY D 177 -17.77 7.93 28.43
C GLY D 177 -18.20 8.65 29.70
N THR D 178 -19.04 7.95 30.48
CA THR D 178 -19.57 8.45 31.74
C THR D 178 -18.86 7.80 32.91
N PRO D 179 -18.36 8.60 33.88
CA PRO D 179 -17.45 8.06 34.91
C PRO D 179 -17.86 6.73 35.54
N GLY D 180 -19.12 6.58 35.92
CA GLY D 180 -19.53 5.38 36.64
C GLY D 180 -19.48 4.11 35.82
N TYR D 181 -19.40 4.23 34.49
CA TYR D 181 -19.40 3.08 33.59
C TYR D 181 -18.07 2.88 32.89
N LEU D 182 -17.09 3.74 33.18
CA LEU D 182 -15.76 3.62 32.60
C LEU D 182 -15.07 2.33 33.06
N SER D 183 -14.35 1.71 32.12
CA SER D 183 -13.68 0.44 32.35
C SER D 183 -12.32 0.65 33.00
N PRO D 184 -11.77 -0.41 33.60
CA PRO D 184 -10.41 -0.29 34.16
C PRO D 184 -9.36 0.09 33.12
N GLU D 185 -9.37 -0.53 31.94
CA GLU D 185 -8.32 -0.25 30.96
C GLU D 185 -8.33 1.20 30.51
N VAL D 186 -9.52 1.79 30.38
CA VAL D 186 -9.57 3.21 30.00
C VAL D 186 -8.99 4.06 31.14
N LEU D 187 -9.32 3.70 32.39
CA LEU D 187 -8.82 4.45 33.54
C LEU D 187 -7.31 4.34 33.69
N ARG D 188 -6.72 3.23 33.25
CA ARG D 188 -5.28 3.06 33.26
C ARG D 188 -4.59 3.72 32.08
N LYS D 189 -5.36 4.25 31.13
CA LYS D 189 -4.85 4.85 29.90
C LYS D 189 -4.18 3.81 29.00
N ASP D 190 -4.70 2.58 29.00
CA ASP D 190 -4.19 1.47 28.24
C ASP D 190 -4.93 1.33 26.92
N PRO D 191 -4.32 0.70 25.92
CA PRO D 191 -5.06 0.29 24.72
C PRO D 191 -6.34 -0.43 25.09
N TYR D 192 -7.42 -0.12 24.35
CA TYR D 192 -8.72 -0.67 24.69
C TYR D 192 -9.52 -0.90 23.41
N GLY D 193 -10.70 -1.50 23.57
CA GLY D 193 -11.50 -1.85 22.43
C GLY D 193 -12.90 -2.31 22.79
N LYS D 194 -13.41 -3.30 22.05
CA LYS D 194 -14.76 -3.81 22.31
C LYS D 194 -15.04 -4.19 23.76
N PRO D 195 -14.10 -4.73 24.54
CA PRO D 195 -14.43 -5.11 25.94
C PRO D 195 -14.90 -3.96 26.81
N VAL D 196 -14.65 -2.70 26.43
CA VAL D 196 -15.12 -1.61 27.28
C VAL D 196 -16.63 -1.62 27.33
N ASP D 197 -17.29 -2.03 26.23
CA ASP D 197 -18.75 -2.06 26.26
C ASP D 197 -19.26 -3.20 27.12
N MET D 198 -18.49 -4.28 27.25
CA MET D 198 -18.92 -5.39 28.10
C MET D 198 -18.79 -5.02 29.58
N TRP D 199 -17.75 -4.27 29.93
CA TRP D 199 -17.65 -3.75 31.30
C TRP D 199 -18.90 -2.94 31.67
N ALA D 200 -19.26 -1.94 30.86
CA ALA D 200 -20.42 -1.10 31.19
C ALA D 200 -21.71 -1.91 31.26
N CYS D 201 -21.89 -2.89 30.36
CA CYS D 201 -23.04 -3.79 30.46
CA CYS D 201 -23.03 -3.80 30.45
C CYS D 201 -23.07 -4.53 31.79
N GLY D 202 -21.91 -4.87 32.33
CA GLY D 202 -21.88 -5.52 33.64
C GLY D 202 -22.29 -4.55 34.73
N VAL D 203 -21.89 -3.29 34.60
CA VAL D 203 -22.39 -2.25 35.50
C VAL D 203 -23.90 -2.12 35.37
N ILE D 204 -24.40 -2.11 34.13
CA ILE D 204 -25.84 -2.00 33.89
C ILE D 204 -26.56 -3.20 34.46
N LEU D 205 -26.00 -4.40 34.31
CA LEU D 205 -26.67 -5.62 34.79
C LEU D 205 -26.81 -5.60 36.32
N TYR D 206 -25.74 -5.21 37.00
CA TYR D 206 -25.77 -5.09 38.46
C TYR D 206 -26.89 -4.15 38.90
N ILE D 207 -27.00 -2.98 38.26
CA ILE D 207 -28.04 -2.02 38.64
C ILE D 207 -29.42 -2.61 38.37
N LEU D 208 -29.59 -3.30 37.23
CA LEU D 208 -30.88 -3.91 36.92
C LEU D 208 -31.31 -4.92 37.98
N LEU D 209 -30.37 -5.50 38.71
CA LEU D 209 -30.75 -6.51 39.70
C LEU D 209 -31.12 -5.92 41.06
N VAL D 210 -30.48 -4.83 41.49
CA VAL D 210 -30.68 -4.38 42.87
C VAL D 210 -30.99 -2.89 42.96
N GLY D 211 -30.81 -2.15 41.86
CA GLY D 211 -31.21 -0.75 41.84
C GLY D 211 -30.23 0.23 42.43
N TYR D 212 -28.98 -0.18 42.63
CA TYR D 212 -27.89 0.73 42.98
C TYR D 212 -26.66 0.21 42.26
N PRO D 213 -25.67 1.07 42.03
CA PRO D 213 -24.54 0.71 41.14
C PRO D 213 -23.46 -0.06 41.89
N PRO D 214 -22.59 -0.79 41.17
CA PRO D 214 -21.52 -1.52 41.87
C PRO D 214 -20.38 -0.66 42.34
N PHE D 215 -20.16 0.50 41.71
CA PHE D 215 -19.15 1.45 42.14
C PHE D 215 -19.79 2.82 42.25
N TRP D 216 -19.45 3.54 43.32
CA TRP D 216 -19.99 4.87 43.51
C TRP D 216 -19.08 5.67 44.43
N ASP D 217 -18.98 6.97 44.18
CA ASP D 217 -18.38 7.88 45.14
C ASP D 217 -18.70 9.31 44.72
N GLU D 218 -18.64 10.21 45.71
CA GLU D 218 -18.72 11.65 45.43
C GLU D 218 -17.49 12.15 44.68
N ASP D 219 -16.35 11.52 44.94
CA ASP D 219 -15.07 11.88 44.34
C ASP D 219 -14.75 10.90 43.22
N GLN D 220 -14.34 11.42 42.06
CA GLN D 220 -14.13 10.52 40.94
C GLN D 220 -12.88 9.68 41.13
N HIS D 221 -11.88 10.21 41.85
CA HIS D 221 -10.64 9.45 42.03
C HIS D 221 -10.88 8.17 42.82
N ARG D 222 -11.67 8.25 43.89
CA ARG D 222 -12.02 7.04 44.63
C ARG D 222 -12.93 6.13 43.81
N LEU D 223 -13.83 6.72 43.02
CA LEU D 223 -14.64 5.92 42.12
C LEU D 223 -13.75 5.10 41.20
N TYR D 224 -12.73 5.75 40.63
CA TYR D 224 -11.84 5.09 39.69
C TYR D 224 -10.97 4.05 40.39
N GLN D 225 -10.60 4.30 41.65
CA GLN D 225 -9.90 3.28 42.42
C GLN D 225 -10.74 2.02 42.59
N GLN D 226 -12.03 2.19 42.92
CA GLN D 226 -12.91 1.03 43.03
C GLN D 226 -12.99 0.28 41.72
N ILE D 227 -13.19 0.99 40.61
CA ILE D 227 -13.33 0.34 39.31
C ILE D 227 -12.07 -0.43 38.95
N LYS D 228 -10.91 0.24 39.04
CA LYS D 228 -9.66 -0.41 38.68
C LYS D 228 -9.35 -1.62 39.56
N ALA D 229 -9.90 -1.68 40.76
CA ALA D 229 -9.72 -2.82 41.65
C ALA D 229 -10.81 -3.86 41.53
N GLY D 230 -11.85 -3.62 40.74
CA GLY D 230 -13.01 -4.50 40.75
C GLY D 230 -13.61 -4.62 42.13
N ALA D 231 -13.57 -3.54 42.92
CA ALA D 231 -14.05 -3.56 44.30
C ALA D 231 -15.56 -3.31 44.29
N TYR D 232 -16.30 -4.38 44.02
CA TYR D 232 -17.73 -4.41 44.24
C TYR D 232 -18.05 -5.66 45.04
N ASP D 233 -19.28 -5.75 45.53
CA ASP D 233 -19.66 -7.00 46.17
C ASP D 233 -21.17 -7.15 46.10
N PHE D 234 -21.65 -8.24 46.73
CA PHE D 234 -23.02 -8.71 46.67
C PHE D 234 -23.53 -8.77 48.11
N PRO D 235 -23.87 -7.64 48.71
CA PRO D 235 -24.18 -7.62 50.14
C PRO D 235 -25.55 -8.21 50.48
N SER D 236 -25.62 -8.80 51.67
CA SER D 236 -26.88 -9.27 52.23
C SER D 236 -27.74 -8.09 52.69
N PRO D 237 -29.07 -8.25 52.69
CA PRO D 237 -29.74 -9.50 52.35
C PRO D 237 -30.20 -9.58 50.90
N GLU D 238 -30.14 -8.46 50.16
CA GLU D 238 -30.80 -8.41 48.86
C GLU D 238 -30.10 -9.28 47.82
N TRP D 239 -28.80 -9.47 47.92
CA TRP D 239 -28.14 -10.36 46.95
C TRP D 239 -28.23 -11.83 47.34
N ASP D 240 -28.67 -12.14 48.57
CA ASP D 240 -28.83 -13.53 48.96
C ASP D 240 -29.94 -14.24 48.21
N THR D 241 -30.87 -13.50 47.61
CA THR D 241 -31.96 -14.04 46.83
C THR D 241 -31.68 -14.00 45.33
N VAL D 242 -30.49 -13.54 44.94
CA VAL D 242 -30.05 -13.55 43.55
C VAL D 242 -29.41 -14.88 43.24
N THR D 243 -29.72 -15.42 42.07
CA THR D 243 -29.18 -16.71 41.66
C THR D 243 -27.67 -16.61 41.47
N PRO D 244 -26.92 -17.65 41.86
CA PRO D 244 -25.46 -17.64 41.61
C PRO D 244 -25.09 -17.42 40.15
N GLU D 245 -25.97 -17.80 39.23
CA GLU D 245 -25.64 -17.71 37.81
C GLU D 245 -25.68 -16.27 37.31
N ALA D 246 -26.65 -15.47 37.77
CA ALA D 246 -26.59 -14.04 37.53
C ALA D 246 -25.33 -13.44 38.15
N LYS D 247 -25.05 -13.78 39.41
CA LYS D 247 -23.79 -13.36 40.02
C LYS D 247 -22.60 -13.73 39.15
N ASP D 248 -22.57 -14.97 38.65
CA ASP D 248 -21.47 -15.42 37.81
C ASP D 248 -21.33 -14.56 36.55
N LEU D 249 -22.45 -14.26 35.88
CA LEU D 249 -22.42 -13.46 34.67
C LEU D 249 -21.91 -12.05 34.94
N ILE D 250 -22.32 -11.46 36.06
CA ILE D 250 -21.78 -10.16 36.46
C ILE D 250 -20.27 -10.23 36.63
N ASN D 251 -19.79 -11.25 37.35
CA ASN D 251 -18.36 -11.41 37.59
C ASN D 251 -17.60 -11.50 36.28
N LYS D 252 -18.17 -12.18 35.29
CA LYS D 252 -17.48 -12.37 34.02
C LYS D 252 -17.49 -11.10 33.18
N MET D 253 -18.51 -10.25 33.31
CA MET D 253 -18.49 -8.92 32.71
C MET D 253 -17.62 -7.93 33.50
N LEU D 254 -17.66 -7.98 34.83
CA LEU D 254 -16.84 -7.06 35.61
C LEU D 254 -15.45 -7.63 35.89
N THR D 255 -14.86 -8.29 34.89
CA THR D 255 -13.51 -8.81 35.00
C THR D 255 -12.50 -7.72 34.63
N ILE D 256 -11.54 -7.48 35.53
CA ILE D 256 -10.59 -6.38 35.34
C ILE D 256 -9.82 -6.53 34.03
N ASN D 257 -9.26 -7.70 33.80
CA ASN D 257 -8.46 -7.98 32.61
C ASN D 257 -9.34 -8.07 31.38
N PRO D 258 -9.23 -7.16 30.42
CA PRO D 258 -10.13 -7.22 29.25
C PRO D 258 -9.86 -8.40 28.35
N ALA D 259 -8.67 -8.99 28.41
CA ALA D 259 -8.42 -10.24 27.69
C ALA D 259 -9.32 -11.37 28.20
N LYS D 260 -9.54 -11.44 29.51
CA LYS D 260 -10.38 -12.49 30.08
C LYS D 260 -11.86 -12.15 30.09
N ARG D 261 -12.22 -10.87 29.99
CA ARG D 261 -13.62 -10.46 30.07
C ARG D 261 -14.47 -11.19 29.04
N ILE D 262 -15.69 -11.56 29.45
CA ILE D 262 -16.63 -12.23 28.55
C ILE D 262 -17.02 -11.28 27.42
N THR D 263 -17.09 -11.82 26.21
CA THR D 263 -17.51 -11.06 25.06
C THR D 263 -19.03 -11.07 24.97
N ALA D 264 -19.57 -10.16 24.14
CA ALA D 264 -21.02 -10.13 23.98
C ALA D 264 -21.53 -11.46 23.44
N SER D 265 -20.84 -11.99 22.43
CA SER D 265 -21.20 -13.29 21.87
C SER D 265 -21.25 -14.37 22.94
N GLU D 266 -20.23 -14.42 23.79
CA GLU D 266 -20.17 -15.47 24.81
C GLU D 266 -21.21 -15.25 25.89
N ALA D 267 -21.50 -13.99 26.23
CA ALA D 267 -22.50 -13.72 27.26
C ALA D 267 -23.89 -14.15 26.81
N LEU D 268 -24.19 -14.01 25.50
CA LEU D 268 -25.43 -14.52 24.95
C LEU D 268 -25.58 -16.04 25.13
N LYS D 269 -24.48 -16.75 25.39
CA LYS D 269 -24.52 -18.19 25.63
C LYS D 269 -24.46 -18.54 27.10
N HIS D 270 -24.50 -17.55 27.98
CA HIS D 270 -24.53 -17.85 29.40
C HIS D 270 -25.91 -18.38 29.79
N PRO D 271 -25.98 -19.40 30.63
CA PRO D 271 -27.30 -20.01 30.91
C PRO D 271 -28.30 -19.04 31.54
N TRP D 272 -27.84 -18.04 32.30
CA TRP D 272 -28.81 -17.10 32.83
C TRP D 272 -29.45 -16.27 31.73
N ILE D 273 -28.83 -16.20 30.54
CA ILE D 273 -29.37 -15.52 29.37
C ILE D 273 -30.10 -16.48 28.44
N CYS D 274 -29.45 -17.58 28.07
CA CYS D 274 -30.04 -18.46 27.07
C CYS D 274 -30.90 -19.56 27.68
N GLN D 275 -30.84 -19.76 29.00
CA GLN D 275 -31.72 -20.71 29.68
C GLN D 275 -32.49 -19.96 30.75
N ARG D 276 -33.09 -18.84 30.34
CA ARG D 276 -33.68 -17.89 31.29
C ARG D 276 -34.83 -18.51 32.07
N SER D 277 -35.77 -19.17 31.37
CA SER D 277 -36.97 -19.70 32.00
C SER D 277 -36.67 -20.69 33.12
N THR D 278 -35.52 -21.36 33.09
CA THR D 278 -35.19 -22.34 34.12
C THR D 278 -34.10 -21.89 35.09
N VAL D 279 -33.29 -20.89 34.72
CA VAL D 279 -32.14 -20.46 35.52
C VAL D 279 -32.42 -19.15 36.24
N ALA D 280 -33.04 -18.19 35.57
CA ALA D 280 -33.35 -16.91 36.19
C ALA D 280 -34.53 -17.05 37.13
N SER D 281 -34.40 -16.44 38.31
CA SER D 281 -35.49 -16.40 39.27
C SER D 281 -36.65 -15.58 38.74
N MET D 282 -37.85 -15.99 39.13
CA MET D 282 -39.09 -15.31 38.80
C MET D 282 -39.59 -14.45 39.95
N MET D 283 -38.87 -14.45 41.06
CA MET D 283 -39.26 -13.72 42.24
C MET D 283 -39.30 -12.21 41.96
N HIS D 284 -40.44 -11.60 42.25
CA HIS D 284 -40.53 -10.14 42.16
C HIS D 284 -39.56 -9.49 43.14
N ARG D 285 -38.83 -8.49 42.65
CA ARG D 285 -37.81 -7.80 43.43
C ARG D 285 -38.28 -6.36 43.67
N GLN D 286 -39.19 -6.20 44.63
CA GLN D 286 -39.77 -4.88 44.88
C GLN D 286 -38.74 -3.90 45.43
N GLU D 287 -37.79 -4.39 46.25
CA GLU D 287 -36.75 -3.49 46.73
C GLU D 287 -35.91 -2.92 45.59
N THR D 288 -35.75 -3.69 44.50
CA THR D 288 -35.03 -3.19 43.32
C THR D 288 -35.78 -2.04 42.67
N VAL D 289 -37.10 -2.15 42.56
CA VAL D 289 -37.90 -1.06 42.04
C VAL D 289 -37.74 0.18 42.91
N ASP D 290 -37.75 0.00 44.23
CA ASP D 290 -37.66 1.13 45.16
C ASP D 290 -36.31 1.82 45.05
N CYS D 291 -35.23 1.05 45.05
CA CYS D 291 -33.91 1.64 44.93
C CYS D 291 -33.68 2.25 43.55
N LEU D 292 -34.21 1.61 42.51
CA LEU D 292 -34.08 2.14 41.15
C LEU D 292 -34.70 3.54 41.02
N LYS D 293 -35.84 3.77 41.67
CA LYS D 293 -36.45 5.10 41.68
C LYS D 293 -35.48 6.16 42.20
N LYS D 294 -34.82 5.86 43.32
CA LYS D 294 -33.87 6.81 43.88
C LYS D 294 -32.65 6.94 42.98
N PHE D 295 -32.18 5.82 42.43
CA PHE D 295 -31.03 5.88 41.52
C PHE D 295 -31.34 6.75 40.31
N ASN D 296 -32.57 6.65 39.77
CA ASN D 296 -32.91 7.41 38.57
C ASN D 296 -32.93 8.90 38.84
N ALA D 297 -33.36 9.31 40.03
CA ALA D 297 -33.51 10.72 40.36
C ALA D 297 -32.23 11.37 40.89
N ARG D 298 -31.27 10.59 41.38
CA ARG D 298 -30.14 11.19 42.07
C ARG D 298 -29.16 11.83 41.08
N ARG D 299 -28.44 12.83 41.56
CA ARG D 299 -27.39 13.46 40.76
C ARG D 299 -26.25 12.47 40.52
N LYS D 300 -25.71 12.48 39.30
CA LYS D 300 -24.65 11.58 38.90
C LYS D 300 -23.47 12.39 38.37
N LEU D 301 -22.28 11.79 38.44
CA LEU D 301 -21.08 12.45 37.91
C LEU D 301 -21.09 12.47 36.38
C10 D0S E . -8.74 9.39 -20.37
N12 D0S E . -2.43 7.08 -20.96
C13 D0S E . -2.04 6.10 -21.83
C15 D0S E . -4.15 6.20 -22.97
C17 D0S E . -5.12 5.77 -24.01
C20 D0S E . -5.97 4.03 -25.54
C21 D0S E . -7.41 3.79 -24.99
C24 D0S E . -9.93 9.96 -19.97
C26 D0S E . -10.62 8.75 -21.83
C28 D0S E . -9.14 4.92 -23.64
C01 D0S E . -7.33 10.53 -18.59
C02 D0S E . -7.46 9.59 -19.75
C04 D0S E . -5.23 9.10 -19.75
C06 D0S E . -6.11 10.67 -18.10
C07 D0S E . -3.98 8.59 -20.07
C08 D0S E . -3.13 9.18 -19.12
C11 D0S E . -3.67 7.60 -21.09
C14 D0S E . -2.87 5.64 -22.85
C16 D0S E . -4.55 7.19 -22.08
C23 D0S E . -8.18 2.84 -25.95
C25 D0S E . -11.01 9.57 -20.81
C29 D0S E . -8.90 5.52 -25.99
C30 D0S E . -9.41 6.95 -25.82
C31 D0S E . -8.37 4.87 -22.33
C33 D0S E . -0.04 4.72 -22.63
C34 D0S E . 1.27 5.33 -22.14
C35 D0S E . 0.43 6.21 -21.21
N03 D0S E . -6.46 8.94 -20.30
N05 D0S E . -5.05 9.97 -18.66
N09 D0S E . -3.75 10.02 -18.29
N19 D0S E . -5.02 4.50 -24.52
N22 D0S E . -8.21 5.03 -24.79
N32 D0S E . -0.75 5.58 -21.74
O18 D0S E . -5.99 6.55 -24.34
O36 D0S E . 2.19 4.40 -21.53
S27 D0S E . -8.95 8.43 -21.77
O1 TLA F . -7.71 -10.68 3.67
O11 TLA F . -6.22 -10.32 2.12
C1 TLA F . -7.19 -9.91 2.82
C2 TLA F . -7.70 -8.51 2.65
O2 TLA F . -8.90 -8.32 3.29
C3 TLA F . -7.87 -8.22 1.19
O3 TLA F . -8.78 -9.08 0.63
C4 TLA F . -8.25 -6.79 0.97
O4 TLA F . -9.38 -6.52 0.46
O41 TLA F . -7.41 -5.90 1.29
C10 D0S G . 31.36 -11.28 -22.54
N12 D0S G . 37.77 -9.26 -21.93
C13 D0S G . 38.23 -8.48 -20.92
C15 D0S G . 36.14 -8.72 -19.76
C17 D0S G . 35.21 -8.48 -18.64
C20 D0S G . 34.54 -6.98 -16.82
C21 D0S G . 33.25 -6.29 -17.35
C24 D0S G . 30.12 -11.78 -22.88
C26 D0S G . 29.64 -10.83 -20.82
C28 D0S G . 32.04 -7.62 -19.09
C01 D0S G . 32.65 -12.12 -24.60
C02 D0S G . 32.61 -11.40 -23.29
C04 D0S G . 34.86 -10.97 -23.33
C06 D0S G . 33.85 -12.19 -25.17
C07 D0S G . 36.12 -10.55 -23.01
C08 D0S G . 36.92 -10.97 -24.08
C11 D0S G . 36.52 -9.78 -21.86
C14 D0S G . 37.43 -8.20 -19.81
C16 D0S G . 35.67 -9.51 -20.80
C23 D0S G . 32.81 -5.21 -16.35
C25 D0S G . 29.13 -11.51 -21.91
C29 D0S G . 31.83 -8.28 -16.72
C30 D0S G . 31.25 -9.56 -17.34
C31 D0S G . 32.00 -6.47 -20.07
C33 D0S G . 40.31 -7.34 -20.00
C34 D0S G . 41.57 -7.87 -20.70
C35 D0S G . 40.62 -8.52 -21.71
N03 D0S G . 33.66 -10.88 -22.72
N05 D0S G . 34.97 -11.63 -24.56
N09 D0S G . 36.24 -11.64 -25.00
N19 D0S G . 35.42 -7.33 -17.93
N22 D0S G . 32.09 -7.17 -17.67
N32 D0S G . 39.53 -7.98 -20.99
O18 D0S G . 34.30 -9.30 -18.44
O36 D0S G . 42.46 -6.88 -21.26
S27 D0S G . 31.30 -10.54 -21.02
O1 TLA H . 30.00 7.35 -41.46
O11 TLA H . 31.90 6.76 -42.41
C1 TLA H . 31.14 7.66 -41.92
C2 TLA H . 31.61 9.07 -41.90
O2 TLA H . 30.74 9.85 -41.14
C3 TLA H . 31.72 9.55 -43.31
O3 TLA H . 30.51 9.48 -43.96
C4 TLA H . 32.29 10.92 -43.38
O4 TLA H . 31.72 11.81 -44.08
O41 TLA H . 33.35 11.16 -42.72
C10 D0S I . 9.98 -7.74 24.32
N12 D0S I . 3.52 -5.85 24.17
C13 D0S I . 2.70 -5.95 23.11
C15 D0S I . 4.28 -7.35 21.96
C17 D0S I . 4.78 -8.17 20.82
C20 D0S I . 4.73 -8.63 18.40
C21 D0S I . 6.18 -8.24 18.00
C24 D0S I . 11.33 -7.97 24.53
C26 D0S I . 11.05 -8.91 22.43
C28 D0S I . 7.63 -10.19 18.51
C01 D0S I . 9.45 -6.66 26.58
C02 D0S I . 9.02 -7.11 25.21
C04 D0S I . 6.85 -6.49 25.56
C06 D0S I . 8.46 -6.12 27.33
C07 D0S I . 5.50 -6.24 25.37
C08 D0S I . 5.09 -5.64 26.58
C11 D0S I . 4.71 -6.49 24.16
C14 D0S I . 3.05 -6.70 21.97
C16 D0S I . 5.13 -7.22 23.06
C23 D0S I . 6.46 -8.56 16.51
C25 D0S I . 11.95 -8.65 23.44
C29 D0S I . 8.38 -7.89 19.08
C30 D0S I . 8.05 -6.74 20.02
C31 D0S I . 8.61 -10.78 19.52
C33 D0S I . 0.75 -4.78 24.33
C34 D0S I . -0.56 -5.02 23.56
C35 D0S I . 0.32 -5.47 22.38
N03 D0S I . 7.80 -7.03 24.76
N05 D0S I . 7.16 -6.03 26.84
N09 D0S I . 6.08 -5.51 27.47
N19 D0S I . 4.27 -7.88 19.58
N22 D0S I . 7.25 -8.81 18.88
N32 D0S I . 1.46 -5.30 23.22
O18 D0S I . 5.61 -9.04 21.05
O36 D0S I . -1.42 -3.89 23.29
S27 D0S I . 9.48 -8.35 22.79
O1 TLA J . 11.46 21.96 19.69
O11 TLA J . 13.34 23.10 19.80
C1 TLA J . 12.63 22.11 20.14
C2 TLA J . 13.17 21.10 21.09
O2 TLA J . 14.50 21.35 21.36
C3 TLA J . 12.95 19.73 20.54
O3 TLA J . 13.38 19.58 19.22
C4 TLA J . 13.54 18.70 21.44
O4 TLA J . 13.17 18.59 22.64
O41 TLA J . 14.44 17.97 20.93
C10 D0S K . -31.81 8.91 19.24
N12 D0S K . -37.15 9.43 23.34
C13 D0S K . -37.10 9.92 24.60
C15 D0S K . -34.87 10.68 24.25
C17 D0S K . -33.63 11.35 24.71
C20 D0S K . -32.17 11.81 26.70
C21 D0S K . -30.89 11.00 26.40
C24 D0S K . -30.85 8.68 18.26
C26 D0S K . -29.55 9.75 19.86
C28 D0S K . -29.34 11.89 24.58
C01 D0S K . -33.83 7.91 18.02
C02 D0S K . -33.23 8.58 19.21
C04 D0S K . -35.24 8.71 20.28
C06 D0S K . -35.15 7.69 18.08
C07 D0S K . -36.23 8.97 21.21
C08 D0S K . -37.39 8.45 20.62
C11 D0S K . -36.07 9.57 22.52
C14 D0S K . -35.96 10.56 25.09
C16 D0S K . -34.90 10.17 22.96
C23 D0S K . -29.72 11.52 27.28
C25 D0S K . -29.55 9.16 18.62
C29 D0S K . -30.82 9.92 24.07
C30 D0S K . -30.47 8.54 24.58
C31 D0S K . -29.60 12.49 23.20
C33 D0S K . -39.51 9.32 25.13
C34 D0S K . -40.07 10.28 26.19
C35 D0S K . -38.61 10.69 26.46
N03 D0S K . -33.91 8.95 20.26
N05 D0S K . -35.86 8.08 19.20
N09 D0S K . -37.19 7.92 19.41
N19 D0S K . -33.35 11.23 26.07
N22 D0S K . -30.50 11.05 24.96
N32 D0S K . -38.22 9.80 25.43
O18 D0S K . -32.95 11.95 23.89
O36 D0S K . -40.75 9.64 27.30
S27 D0S K . -31.10 9.74 20.57
#